data_3OJV
#
_entry.id   3OJV
#
_cell.length_a   53.324
_cell.length_b   53.421
_cell.length_c   80.463
_cell.angle_alpha   106.44
_cell.angle_beta   106.40
_cell.angle_gamma   94.44
#
_symmetry.space_group_name_H-M   'P 1'
#
loop_
_entity.id
_entity.type
_entity.pdbx_description
1 polymer 'Heparin-binding growth factor 1'
2 polymer 'Basic fibroblast growth factor receptor 1'
3 branched '4-deoxy-2-O-sulfo-alpha-L-threo-hex-4-enopyranuronic acid-(1-4)-2-deoxy-6-O-sulfo-2-(sulfoamino)-alpha-D-glucopyranose-(1-4)-2-O-sulfo-alpha-L-idopyranuronic acid-(1-4)-2-deoxy-6-O-sulfo-2-(sulfoamino)-alpha-D-glucopyranose-(1-4)-2-O-sulfo-alpha-L-idopyranuronic acid-(1-4)-2-deoxy-6-O-sulfo-2-(sulfoamino)-alpha-D-glucopyranose'
4 water water
#
loop_
_entity_poly.entity_id
_entity_poly.type
_entity_poly.pdbx_seq_one_letter_code
_entity_poly.pdbx_strand_id
1 'polypeptide(L)'
;MGNYKKPKLLYCSNGGHFLRILPDGTVDGTRDRSDQHIQLQLSAESVGEVYIKSTETGQYLAMDTDGLLYGSQTPNEECL
FLERLEENHYNTYISKKHAEKNWFVGLKKNGSCKRGPRTHYGQKAILFLPLPVSSD
;
A,B
2 'polypeptide(L)'
;MADNTKPNRMPVAPYWTSPEKMEKKLHAVPAAKTVKFKCPSSGTPQPTLRWLKNGKEFKPDHRIGGYKVRYATWSIIMDS
VVPSDKGNYTCIVENEYGSINHTYQLDVVERSPHRPILQAGLPANKTVALGSNVEFMCKVYSDPQPHIQWLKHIEVNGSK
IGPDNLPYVQILKTAGVNTTDKEMEVLHLRNVSFEDAGEYTCLAGNSIGLSHHSAWLTVLEALEER
;
C,D
#
loop_
_chem_comp.id
_chem_comp.type
_chem_comp.name
_chem_comp.formula
IDS L-saccharide, alpha linking '2-O-sulfo-alpha-L-idopyranuronic acid' 'C6 H10 O10 S'
SGN D-saccharide, alpha linking 2-deoxy-6-O-sulfo-2-(sulfoamino)-alpha-D-glucopyranose 'C6 H13 N O11 S2'
UAP L-saccharide, alpha linking '4-deoxy-2-O-sulfo-alpha-L-threo-hex-4-enopyranuronic acid' 'C6 H8 O9 S'
#
# COMPACT_ATOMS: atom_id res chain seq x y z
N GLY A 2 14.68 23.20 15.56
CA GLY A 2 15.76 23.88 16.34
C GLY A 2 15.30 24.52 17.65
N ASN A 3 14.58 25.64 17.53
CA ASN A 3 14.07 26.37 18.68
C ASN A 3 12.64 25.93 18.97
N TYR A 4 12.46 25.14 20.02
CA TYR A 4 11.13 24.61 20.39
C TYR A 4 9.94 25.58 20.21
N LYS A 5 10.21 26.88 20.16
CA LYS A 5 9.15 27.88 19.99
C LYS A 5 8.85 28.12 18.52
N LYS A 6 9.81 27.79 17.65
CA LYS A 6 9.66 27.97 16.21
C LYS A 6 8.92 26.83 15.54
N PRO A 7 8.28 27.09 14.39
CA PRO A 7 7.54 26.03 13.71
C PRO A 7 8.44 24.91 13.21
N LYS A 8 7.86 23.73 13.02
CA LYS A 8 8.57 22.57 12.53
C LYS A 8 7.63 21.72 11.67
N LEU A 9 8.21 20.80 10.94
CA LEU A 9 7.43 19.91 10.10
C LEU A 9 7.65 18.52 10.67
N LEU A 10 6.58 17.77 10.85
CA LEU A 10 6.75 16.42 11.37
C LEU A 10 6.84 15.43 10.21
N TYR A 11 8.06 14.98 9.93
CA TYR A 11 8.36 14.04 8.85
C TYR A 11 8.15 12.59 9.25
N CYS A 12 7.28 11.88 8.53
CA CYS A 12 7.03 10.46 8.83
C CYS A 12 8.11 9.62 8.15
N SER A 13 8.57 8.57 8.82
CA SER A 13 9.63 7.74 8.24
C SER A 13 9.08 6.82 7.15
N ASN A 14 7.76 6.62 7.16
CA ASN A 14 7.10 5.77 6.18
C ASN A 14 7.24 6.40 4.79
N GLY A 15 6.14 6.86 4.21
CA GLY A 15 6.25 7.43 2.88
C GLY A 15 7.15 8.65 2.83
N GLY A 16 7.72 9.02 3.97
CA GLY A 16 8.55 10.21 3.98
C GLY A 16 7.63 11.38 3.77
N HIS A 17 6.52 11.37 4.50
CA HIS A 17 5.52 12.43 4.43
C HIS A 17 5.65 13.45 5.56
N PHE A 18 5.18 14.66 5.29
CA PHE A 18 5.15 15.73 6.28
C PHE A 18 3.72 15.66 6.78
N LEU A 19 3.52 15.72 8.09
CA LEU A 19 2.16 15.67 8.61
C LEU A 19 1.46 16.96 8.20
N ARG A 20 0.24 16.84 7.70
CA ARG A 20 -0.49 18.01 7.25
C ARG A 20 -1.91 18.08 7.77
N ILE A 21 -2.26 19.25 8.28
CA ILE A 21 -3.60 19.53 8.82
C ILE A 21 -4.30 20.42 7.78
N LEU A 22 -5.39 19.92 7.23
CA LEU A 22 -6.14 20.66 6.21
C LEU A 22 -7.31 21.42 6.81
N PRO A 23 -7.56 22.64 6.31
CA PRO A 23 -8.65 23.50 6.79
C PRO A 23 -9.97 22.76 7.07
N ASP A 24 -10.29 21.80 6.21
CA ASP A 24 -11.52 21.03 6.37
C ASP A 24 -11.41 20.12 7.58
N GLY A 25 -10.32 20.25 8.33
CA GLY A 25 -10.13 19.45 9.51
C GLY A 25 -9.54 18.07 9.23
N THR A 26 -9.16 17.82 7.98
CA THR A 26 -8.59 16.54 7.63
C THR A 26 -7.07 16.62 7.75
N VAL A 27 -6.47 15.53 8.22
CA VAL A 27 -5.02 15.47 8.37
C VAL A 27 -4.47 14.26 7.61
N ASP A 28 -3.59 14.52 6.64
CA ASP A 28 -3.00 13.45 5.85
C ASP A 28 -1.49 13.67 5.79
N GLY A 29 -0.87 13.27 4.68
CA GLY A 29 0.56 13.45 4.53
C GLY A 29 0.87 14.08 3.19
N THR A 30 2.12 14.51 3.01
CA THR A 30 2.51 15.14 1.75
C THR A 30 4.02 15.33 1.70
N ARG A 31 4.53 15.44 0.47
CA ARG A 31 5.95 15.65 0.23
C ARG A 31 6.15 17.08 -0.23
N ASP A 32 5.02 17.76 -0.38
CA ASP A 32 5.00 19.15 -0.82
C ASP A 32 5.54 20.02 0.33
N ARG A 33 6.86 20.09 0.42
CA ARG A 33 7.48 20.87 1.48
C ARG A 33 7.33 22.37 1.27
N SER A 34 6.34 22.76 0.47
CA SER A 34 6.11 24.18 0.24
C SER A 34 4.69 24.47 0.69
N ASP A 35 3.97 23.40 1.05
CA ASP A 35 2.59 23.52 1.52
C ASP A 35 2.56 24.46 2.73
N GLN A 36 1.39 25.03 3.01
CA GLN A 36 1.25 25.94 4.13
C GLN A 36 0.51 25.28 5.30
N HIS A 37 0.16 24.00 5.15
CA HIS A 37 -0.55 23.30 6.21
C HIS A 37 0.24 22.15 6.82
N ILE A 38 1.56 22.22 6.70
CA ILE A 38 2.46 21.21 7.27
C ILE A 38 3.27 21.85 8.39
N GLN A 39 3.25 23.17 8.42
CA GLN A 39 3.96 23.92 9.46
C GLN A 39 3.26 23.71 10.80
N LEU A 40 3.97 23.11 11.73
CA LEU A 40 3.40 22.84 13.04
C LEU A 40 4.16 23.54 14.16
N GLN A 41 3.40 23.97 15.16
CA GLN A 41 3.95 24.63 16.34
C GLN A 41 3.61 23.69 17.50
N LEU A 42 4.62 23.29 18.28
CA LEU A 42 4.34 22.40 19.40
C LEU A 42 4.45 23.10 20.75
N SER A 43 3.51 22.78 21.64
CA SER A 43 3.45 23.35 22.98
C SER A 43 3.23 22.27 24.03
N ALA A 44 3.92 22.36 25.16
CA ALA A 44 3.78 21.38 26.22
C ALA A 44 2.88 21.81 27.37
N GLU A 45 1.89 20.99 27.68
CA GLU A 45 0.98 21.27 28.79
C GLU A 45 1.72 20.83 30.06
N SER A 46 2.45 19.72 29.94
CA SER A 46 3.23 19.20 31.05
C SER A 46 4.49 18.63 30.48
N VAL A 47 5.37 18.18 31.35
CA VAL A 47 6.62 17.57 30.92
C VAL A 47 6.27 16.41 30.00
N GLY A 48 6.77 16.45 28.76
CA GLY A 48 6.51 15.37 27.83
C GLY A 48 5.13 15.26 27.20
N GLU A 49 4.21 16.17 27.53
CA GLU A 49 2.86 16.14 26.97
C GLU A 49 2.63 17.35 26.07
N VAL A 50 2.45 17.13 24.78
CA VAL A 50 2.29 18.25 23.85
C VAL A 50 1.02 18.43 23.03
N TYR A 51 0.96 19.60 22.43
CA TYR A 51 -0.13 19.98 21.56
C TYR A 51 0.58 20.21 20.26
N ILE A 52 -0.12 19.98 19.16
CA ILE A 52 0.47 20.20 17.86
C ILE A 52 -0.53 21.02 17.09
N LYS A 53 -0.09 22.08 16.45
CA LYS A 53 -1.04 22.86 15.69
C LYS A 53 -0.51 23.65 14.51
N SER A 54 -1.39 23.84 13.54
CA SER A 54 -1.10 24.55 12.31
C SER A 54 -0.93 26.03 12.52
N THR A 55 0.11 26.59 11.94
CA THR A 55 0.37 28.02 12.02
C THR A 55 -0.22 28.64 10.76
N GLU A 56 -1.43 28.23 10.41
CA GLU A 56 -2.09 28.74 9.21
C GLU A 56 -3.58 28.64 9.46
N THR A 57 -4.01 27.53 10.03
CA THR A 57 -5.42 27.33 10.32
C THR A 57 -5.57 27.29 11.82
N GLY A 58 -4.45 27.37 12.52
CA GLY A 58 -4.47 27.34 13.97
C GLY A 58 -5.28 26.19 14.51
N GLN A 59 -5.34 25.11 13.76
CA GLN A 59 -6.07 23.94 14.20
C GLN A 59 -5.13 23.07 15.04
N TYR A 60 -5.70 22.32 15.97
CA TYR A 60 -4.92 21.46 16.82
C TYR A 60 -5.10 20.05 16.35
N LEU A 61 -3.99 19.32 16.24
CA LEU A 61 -4.05 17.92 15.83
C LEU A 61 -4.78 17.16 16.93
N ALA A 62 -5.77 16.37 16.55
CA ALA A 62 -6.53 15.60 17.53
C ALA A 62 -6.87 14.21 16.99
N MET A 63 -7.22 13.32 17.91
CA MET A 63 -7.60 11.96 17.56
C MET A 63 -8.85 11.51 18.30
N ASP A 64 -9.90 11.19 17.52
CA ASP A 64 -11.16 10.75 18.12
C ASP A 64 -11.10 9.33 18.65
N THR A 65 -12.21 8.87 19.23
CA THR A 65 -12.33 7.54 19.81
C THR A 65 -12.23 6.43 18.76
N ASP A 66 -12.25 6.83 17.49
CA ASP A 66 -12.13 5.88 16.39
C ASP A 66 -10.67 5.70 15.95
N GLY A 67 -9.84 6.71 16.21
CA GLY A 67 -8.43 6.64 15.83
C GLY A 67 -8.11 7.63 14.74
N LEU A 68 -9.09 8.42 14.36
CA LEU A 68 -8.92 9.40 13.30
C LEU A 68 -8.23 10.68 13.77
N LEU A 69 -7.34 11.17 12.92
CA LEU A 69 -6.60 12.39 13.20
C LEU A 69 -7.28 13.54 12.47
N TYR A 70 -7.83 14.49 13.22
CA TYR A 70 -8.48 15.62 12.58
C TYR A 70 -7.92 16.93 13.12
N GLY A 71 -8.32 18.02 12.46
CA GLY A 71 -7.88 19.35 12.85
C GLY A 71 -8.98 20.01 13.66
N SER A 72 -8.76 20.08 14.97
CA SER A 72 -9.71 20.69 15.89
C SER A 72 -9.43 22.18 16.06
N GLN A 73 -10.47 23.00 16.04
CA GLN A 73 -10.32 24.44 16.19
C GLN A 73 -10.05 24.85 17.63
N THR A 74 -10.47 24.02 18.58
CA THR A 74 -10.26 24.30 19.99
C THR A 74 -9.63 23.09 20.67
N PRO A 75 -8.57 23.30 21.46
CA PRO A 75 -7.89 22.20 22.16
C PRO A 75 -8.77 21.49 23.18
N ASN A 76 -8.41 20.25 23.49
CA ASN A 76 -9.12 19.44 24.46
C ASN A 76 -8.35 18.16 24.66
N GLU A 77 -8.89 17.24 25.45
CA GLU A 77 -8.19 15.99 25.71
C GLU A 77 -7.74 15.26 24.45
N GLU A 78 -8.64 15.13 23.49
CA GLU A 78 -8.28 14.45 22.26
C GLU A 78 -7.18 15.18 21.49
N CYS A 79 -6.77 16.34 22.01
CA CYS A 79 -5.72 17.14 21.40
C CYS A 79 -4.34 16.93 22.04
N LEU A 80 -4.28 16.17 23.12
CA LEU A 80 -2.99 15.93 23.75
C LEU A 80 -2.32 14.63 23.32
N PHE A 81 -1.00 14.72 23.17
CA PHE A 81 -0.18 13.58 22.76
C PHE A 81 1.07 13.50 23.64
N LEU A 82 1.52 12.27 23.91
CA LEU A 82 2.71 12.08 24.72
C LEU A 82 3.84 11.98 23.73
N GLU A 83 4.74 12.97 23.79
CA GLU A 83 5.86 13.01 22.88
C GLU A 83 7.01 12.22 23.47
N ARG A 84 7.55 11.30 22.68
CA ARG A 84 8.67 10.48 23.12
C ARG A 84 9.78 10.39 22.12
N LEU A 85 11.02 10.52 22.56
CA LEU A 85 12.15 10.38 21.67
C LEU A 85 12.63 8.96 21.90
N GLU A 86 12.22 8.05 21.02
CA GLU A 86 12.60 6.65 21.14
C GLU A 86 14.10 6.47 21.06
N GLU A 87 14.55 5.23 21.28
CA GLU A 87 15.99 4.93 21.24
C GLU A 87 16.56 4.89 19.84
N ASN A 88 15.69 4.73 18.85
CA ASN A 88 16.15 4.72 17.47
C ASN A 88 16.26 6.18 17.00
N HIS A 89 15.95 7.11 17.91
CA HIS A 89 16.01 8.55 17.67
C HIS A 89 14.95 9.16 16.77
N TYR A 90 13.76 8.59 16.83
CA TYR A 90 12.62 9.07 16.09
C TYR A 90 11.65 9.47 17.17
N ASN A 91 10.64 10.23 16.80
CA ASN A 91 9.63 10.69 17.72
C ASN A 91 8.34 9.96 17.49
N THR A 92 7.72 9.52 18.58
CA THR A 92 6.44 8.86 18.50
C THR A 92 5.48 9.75 19.27
N TYR A 93 4.22 9.70 18.88
CA TYR A 93 3.16 10.49 19.50
C TYR A 93 1.99 9.56 19.73
N ILE A 94 1.66 9.37 21.00
CA ILE A 94 0.55 8.52 21.39
C ILE A 94 -0.55 9.40 21.92
N SER A 95 -1.79 9.01 21.65
CA SER A 95 -2.95 9.76 22.13
C SER A 95 -2.91 9.74 23.64
N LYS A 96 -3.07 10.92 24.24
CA LYS A 96 -3.07 11.04 25.69
C LYS A 96 -4.35 10.36 26.18
N LYS A 97 -5.46 10.71 25.56
CA LYS A 97 -6.75 10.16 25.93
C LYS A 97 -6.80 8.64 25.73
N HIS A 98 -6.27 8.16 24.62
CA HIS A 98 -6.27 6.73 24.32
C HIS A 98 -4.92 6.08 24.56
N ALA A 99 -4.14 6.64 25.48
CA ALA A 99 -2.83 6.11 25.78
C ALA A 99 -2.81 4.59 25.95
N GLU A 100 -3.79 4.06 26.67
CA GLU A 100 -3.88 2.63 26.93
C GLU A 100 -4.03 1.82 25.65
N LYS A 101 -5.02 2.17 24.83
CA LYS A 101 -5.25 1.48 23.56
C LYS A 101 -3.98 1.61 22.72
N ASN A 102 -2.99 2.29 23.30
CA ASN A 102 -1.67 2.52 22.70
C ASN A 102 -1.68 3.07 21.27
N TRP A 103 -2.72 3.82 20.93
CA TRP A 103 -2.85 4.40 19.59
C TRP A 103 -1.77 5.43 19.35
N PHE A 104 -1.02 5.29 18.26
CA PHE A 104 0.02 6.26 17.94
C PHE A 104 -0.47 7.13 16.83
N VAL A 105 0.26 8.21 16.54
CA VAL A 105 -0.09 9.05 15.43
C VAL A 105 0.67 8.41 14.29
N GLY A 106 0.00 8.13 13.19
CA GLY A 106 0.70 7.50 12.09
C GLY A 106 0.12 7.79 10.75
N LEU A 107 0.90 7.51 9.72
CA LEU A 107 0.51 7.70 8.32
C LEU A 107 0.88 6.46 7.52
N LYS A 108 -0.04 6.03 6.65
CA LYS A 108 0.19 4.86 5.79
C LYS A 108 1.29 5.24 4.81
N LYS A 109 1.73 4.26 4.01
CA LYS A 109 2.77 4.53 3.02
C LYS A 109 2.32 5.57 2.00
N ASN A 110 1.04 5.49 1.59
CA ASN A 110 0.48 6.44 0.63
C ASN A 110 0.46 7.84 1.21
N GLY A 111 0.44 7.93 2.53
CA GLY A 111 0.43 9.21 3.21
C GLY A 111 -0.91 9.57 3.84
N SER A 112 -1.63 8.56 4.32
CA SER A 112 -2.92 8.81 4.94
C SER A 112 -2.96 8.29 6.37
N CYS A 113 -3.74 8.97 7.21
CA CYS A 113 -3.89 8.60 8.60
C CYS A 113 -3.99 7.09 8.77
N LYS A 114 -3.36 6.55 9.79
CA LYS A 114 -3.43 5.11 10.01
C LYS A 114 -4.11 4.78 11.34
N ARG A 115 -5.32 5.30 11.50
CA ARG A 115 -6.14 5.08 12.69
C ARG A 115 -5.41 4.38 13.81
N GLY A 116 -5.27 5.08 14.92
CA GLY A 116 -4.58 4.53 16.07
C GLY A 116 -4.69 3.04 16.34
N PRO A 117 -5.90 2.46 16.35
CA PRO A 117 -6.10 1.03 16.62
C PRO A 117 -5.24 0.06 15.81
N ARG A 118 -5.02 0.37 14.54
CA ARG A 118 -4.22 -0.49 13.67
C ARG A 118 -2.73 -0.15 13.82
N THR A 119 -2.41 0.77 14.72
CA THR A 119 -1.04 1.18 14.96
C THR A 119 -0.37 0.33 16.05
N HIS A 120 0.88 -0.02 15.81
CA HIS A 120 1.65 -0.84 16.73
C HIS A 120 3.02 -0.23 16.99
N TYR A 121 3.56 -0.44 18.18
CA TYR A 121 4.86 0.12 18.53
C TYR A 121 6.00 -0.33 17.62
N GLY A 122 5.94 -1.55 17.14
CA GLY A 122 6.99 -2.03 16.25
C GLY A 122 6.92 -1.34 14.90
N GLN A 123 5.74 -0.80 14.59
CA GLN A 123 5.50 -0.13 13.32
C GLN A 123 6.46 0.98 12.90
N LYS A 124 6.34 1.36 11.62
CA LYS A 124 7.16 2.37 10.99
C LYS A 124 6.36 3.61 10.58
N ALA A 125 5.04 3.55 10.75
CA ALA A 125 4.20 4.69 10.37
C ALA A 125 4.11 5.70 11.53
N ILE A 126 4.40 5.22 12.73
CA ILE A 126 4.36 6.02 13.93
C ILE A 126 5.61 6.88 14.11
N LEU A 127 6.69 6.51 13.43
CA LEU A 127 7.97 7.21 13.55
C LEU A 127 8.08 8.54 12.80
N PHE A 128 8.25 9.62 13.56
CA PHE A 128 8.40 10.95 12.95
C PHE A 128 9.72 11.64 13.29
N LEU A 129 10.19 12.45 12.35
CA LEU A 129 11.44 13.19 12.53
C LEU A 129 11.04 14.67 12.48
N PRO A 130 11.40 15.44 13.53
CA PRO A 130 11.06 16.87 13.56
C PRO A 130 11.98 17.62 12.61
N LEU A 131 11.40 18.25 11.60
CA LEU A 131 12.21 18.99 10.62
C LEU A 131 11.92 20.49 10.60
N PRO A 132 12.89 21.27 10.13
CA PRO A 132 12.79 22.73 10.01
C PRO A 132 11.88 23.00 8.82
N VAL A 133 11.25 24.16 8.81
CA VAL A 133 10.36 24.51 7.73
C VAL A 133 11.10 24.50 6.40
N SER A 134 12.21 25.22 6.33
CA SER A 134 13.00 25.28 5.09
C SER A 134 13.87 24.03 4.95
N GLY B 2 -14.71 -17.48 -21.78
CA GLY B 2 -15.78 -18.34 -22.39
C GLY B 2 -15.30 -19.70 -22.93
N ASN B 3 -14.60 -19.67 -24.05
CA ASN B 3 -14.07 -20.89 -24.67
C ASN B 3 -12.63 -21.13 -24.22
N TYR B 4 -12.45 -22.12 -23.35
CA TYR B 4 -11.13 -22.47 -22.81
C TYR B 4 -9.93 -22.34 -23.78
N LYS B 5 -10.21 -22.40 -25.09
CA LYS B 5 -9.15 -22.30 -26.09
C LYS B 5 -8.86 -20.85 -26.44
N LYS B 6 -9.82 -19.96 -26.18
CA LYS B 6 -9.68 -18.54 -26.49
C LYS B 6 -8.93 -17.79 -25.39
N PRO B 7 -8.30 -16.66 -25.75
CA PRO B 7 -7.55 -15.87 -24.76
C PRO B 7 -8.46 -15.30 -23.68
N LYS B 8 -7.87 -15.00 -22.54
CA LYS B 8 -8.58 -14.41 -21.41
C LYS B 8 -7.64 -13.48 -20.67
N LEU B 9 -8.21 -12.67 -19.80
CA LEU B 9 -7.43 -11.76 -18.97
C LEU B 9 -7.65 -12.20 -17.54
N LEU B 10 -6.58 -12.35 -16.77
CA LEU B 10 -6.75 -12.74 -15.38
C LEU B 10 -6.84 -11.48 -14.50
N TYR B 11 -8.07 -11.18 -14.07
CA TYR B 11 -8.35 -10.01 -13.23
C TYR B 11 -8.15 -10.29 -11.75
N CYS B 12 -7.28 -9.53 -11.10
CA CYS B 12 -7.03 -9.73 -9.67
C CYS B 12 -8.11 -8.98 -8.90
N SER B 13 -8.56 -9.53 -7.79
CA SER B 13 -9.62 -8.88 -7.01
C SER B 13 -9.07 -7.72 -6.18
N ASN B 14 -7.76 -7.72 -6.00
CA ASN B 14 -7.09 -6.68 -5.23
C ASN B 14 -7.24 -5.34 -5.96
N GLY B 15 -6.15 -4.79 -6.47
CA GLY B 15 -6.27 -3.51 -7.16
C GLY B 15 -7.17 -3.58 -8.38
N GLY B 16 -7.75 -4.74 -8.64
CA GLY B 16 -8.56 -4.85 -9.82
C GLY B 16 -7.63 -4.74 -11.02
N HIS B 17 -6.52 -5.47 -10.95
CA HIS B 17 -5.52 -5.49 -12.01
C HIS B 17 -5.67 -6.71 -12.94
N PHE B 18 -5.19 -6.53 -14.17
CA PHE B 18 -5.16 -7.62 -15.14
C PHE B 18 -3.73 -8.10 -15.04
N LEU B 19 -3.53 -9.41 -14.97
CA LEU B 19 -2.19 -9.94 -14.89
C LEU B 19 -1.47 -9.64 -16.21
N ARG B 20 -0.26 -9.11 -16.12
CA ARG B 20 0.47 -8.76 -17.34
C ARG B 20 1.89 -9.29 -17.36
N ILE B 21 2.25 -9.91 -18.49
CA ILE B 21 3.59 -10.45 -18.72
C ILE B 21 4.28 -9.49 -19.69
N LEU B 22 5.38 -8.89 -19.24
CA LEU B 22 6.11 -7.94 -20.06
C LEU B 22 7.28 -8.60 -20.77
N PRO B 23 7.52 -8.20 -22.03
CA PRO B 23 8.61 -8.74 -22.85
C PRO B 23 9.94 -8.95 -22.10
N ASP B 24 10.27 -8.02 -21.21
CA ASP B 24 11.50 -8.11 -20.45
C ASP B 24 11.40 -9.24 -19.42
N GLY B 25 10.31 -10.00 -19.50
CA GLY B 25 10.11 -11.11 -18.59
C GLY B 25 9.53 -10.73 -17.24
N THR B 26 9.15 -9.46 -17.09
CA THR B 26 8.57 -9.01 -15.84
C THR B 26 7.06 -9.13 -15.92
N VAL B 27 6.45 -9.50 -14.79
CA VAL B 27 5.01 -9.64 -14.72
C VAL B 27 4.46 -8.79 -13.57
N ASP B 28 3.57 -7.86 -13.92
CA ASP B 28 2.98 -6.96 -12.94
C ASP B 28 1.47 -6.94 -13.13
N GLY B 29 0.85 -5.79 -12.84
CA GLY B 29 -0.58 -5.65 -13.01
C GLY B 29 -0.89 -4.38 -13.77
N THR B 30 -2.13 -4.23 -14.18
CA THR B 30 -2.54 -3.03 -14.90
C THR B 30 -4.03 -3.00 -15.12
N ARG B 31 -4.56 -1.80 -15.33
CA ARG B 31 -5.98 -1.58 -15.56
C ARG B 31 -6.18 -1.24 -17.02
N ASP B 32 -5.05 -1.15 -17.72
CA ASP B 32 -5.02 -0.83 -19.14
C ASP B 32 -5.57 -2.04 -19.91
N ARG B 33 -6.89 -2.15 -19.97
CA ARG B 33 -7.50 -3.28 -20.66
C ARG B 33 -7.35 -3.19 -22.16
N SER B 34 -6.37 -2.42 -22.63
CA SER B 34 -6.13 -2.28 -24.05
C SER B 34 -4.72 -2.78 -24.30
N ASP B 35 -3.99 -3.03 -23.21
CA ASP B 35 -2.63 -3.52 -23.32
C ASP B 35 -2.59 -4.81 -24.14
N GLN B 36 -1.42 -5.13 -24.68
CA GLN B 36 -1.27 -6.34 -25.49
C GLN B 36 -0.53 -7.44 -24.74
N HIS B 37 -0.19 -7.18 -23.49
CA HIS B 37 0.54 -8.16 -22.69
C HIS B 37 -0.25 -8.69 -21.50
N ILE B 38 -1.58 -8.57 -21.57
CA ILE B 38 -2.46 -9.04 -20.51
C ILE B 38 -3.29 -10.21 -21.05
N GLN B 39 -3.27 -10.37 -22.37
CA GLN B 39 -3.99 -11.45 -23.02
C GLN B 39 -3.29 -12.77 -22.71
N LEU B 40 -3.99 -13.65 -22.02
CA LEU B 40 -3.43 -14.92 -21.64
C LEU B 40 -4.18 -16.11 -22.25
N GLN B 41 -3.43 -17.15 -22.59
CA GLN B 41 -3.96 -18.38 -23.15
C GLN B 41 -3.62 -19.45 -22.11
N LEU B 42 -4.61 -20.21 -21.66
CA LEU B 42 -4.33 -21.25 -20.67
C LEU B 42 -4.45 -22.65 -21.24
N SER B 43 -3.50 -23.51 -20.88
CA SER B 43 -3.51 -24.89 -21.33
C SER B 43 -3.23 -25.85 -20.16
N ALA B 44 -3.91 -26.98 -20.14
CA ALA B 44 -3.76 -27.96 -19.06
C ALA B 44 -2.86 -29.14 -19.40
N GLU B 45 -1.85 -29.38 -18.56
CA GLU B 45 -0.99 -30.54 -18.78
C GLU B 45 -1.73 -31.73 -18.23
N SER B 46 -2.42 -31.52 -17.10
CA SER B 46 -3.19 -32.59 -16.46
C SER B 46 -4.46 -31.96 -15.97
N VAL B 47 -5.34 -32.79 -15.44
CA VAL B 47 -6.57 -32.30 -14.89
C VAL B 47 -6.23 -31.28 -13.80
N GLY B 48 -6.74 -30.07 -13.95
CA GLY B 48 -6.49 -29.04 -12.96
C GLY B 48 -5.10 -28.41 -12.92
N GLU B 49 -4.18 -28.80 -13.78
CA GLU B 49 -2.84 -28.21 -13.78
C GLU B 49 -2.61 -27.45 -15.07
N VAL B 50 -2.43 -26.14 -14.97
CA VAL B 50 -2.27 -25.31 -16.17
C VAL B 50 -1.00 -24.51 -16.41
N TYR B 51 -0.93 -24.01 -17.63
CA TYR B 51 0.15 -23.17 -18.09
C TYR B 51 -0.56 -21.89 -18.41
N ILE B 52 0.13 -20.79 -18.28
CA ILE B 52 -0.47 -19.52 -18.60
C ILE B 52 0.53 -18.81 -19.50
N LYS B 53 0.08 -18.28 -20.62
CA LYS B 53 1.03 -17.59 -21.46
C LYS B 53 0.50 -16.48 -22.35
N SER B 54 1.37 -15.51 -22.61
CA SER B 54 1.08 -14.35 -23.42
C SER B 54 0.92 -14.67 -24.89
N THR B 55 -0.14 -14.16 -25.50
CA THR B 55 -0.37 -14.35 -26.91
C THR B 55 0.20 -13.14 -27.65
N GLU B 56 1.42 -12.76 -27.27
CA GLU B 56 2.07 -11.63 -27.89
C GLU B 56 3.56 -11.85 -27.76
N THR B 57 3.98 -12.33 -26.61
CA THR B 57 5.38 -12.59 -26.38
C THR B 57 5.56 -14.08 -26.20
N GLY B 58 4.43 -14.79 -26.22
CA GLY B 58 4.46 -16.23 -26.08
C GLY B 58 5.26 -16.67 -24.87
N GLN B 59 5.32 -15.82 -23.86
CA GLN B 59 6.06 -16.18 -22.66
C GLN B 59 5.13 -16.94 -21.73
N TYR B 60 5.70 -17.79 -20.90
CA TYR B 60 4.91 -18.57 -19.96
C TYR B 60 5.11 -17.98 -18.59
N LEU B 61 4.00 -17.81 -17.87
CA LEU B 61 4.06 -17.28 -16.52
C LEU B 61 4.78 -18.33 -15.66
N ALA B 62 5.78 -17.88 -14.91
CA ALA B 62 6.53 -18.78 -14.07
C ALA B 62 6.90 -18.14 -12.73
N MET B 63 7.23 -18.98 -11.76
CA MET B 63 7.61 -18.50 -10.43
C MET B 63 8.88 -19.19 -9.92
N ASP B 64 9.92 -18.40 -9.68
CA ASP B 64 11.19 -18.93 -9.19
C ASP B 64 11.13 -19.36 -7.73
N THR B 65 12.25 -19.90 -7.22
CA THR B 65 12.33 -20.36 -5.84
C THR B 65 12.24 -19.22 -4.83
N ASP B 66 12.25 -18.00 -5.33
CA ASP B 66 12.14 -16.81 -4.49
C ASP B 66 10.68 -16.37 -4.36
N GLY B 67 9.85 -16.71 -5.34
CA GLY B 67 8.45 -16.35 -5.30
C GLY B 67 8.11 -15.34 -6.37
N LEU B 68 9.10 -15.02 -7.19
CA LEU B 68 8.94 -14.05 -8.26
C LEU B 68 8.24 -14.62 -9.48
N LEU B 69 7.35 -13.82 -10.06
CA LEU B 69 6.60 -14.20 -11.24
C LEU B 69 7.28 -13.56 -12.45
N TYR B 70 7.81 -14.39 -13.35
CA TYR B 70 8.48 -13.86 -14.53
C TYR B 70 7.92 -14.51 -15.78
N GLY B 71 8.31 -13.94 -16.91
CA GLY B 71 7.87 -14.43 -18.21
C GLY B 71 8.98 -15.29 -18.80
N SER B 72 8.76 -16.60 -18.75
CA SER B 72 9.73 -17.56 -19.28
C SER B 72 9.43 -17.85 -20.75
N GLN B 73 10.48 -17.91 -21.57
CA GLN B 73 10.30 -18.18 -23.00
C GLN B 73 10.04 -19.67 -23.28
N THR B 74 10.47 -20.55 -22.38
CA THR B 74 10.23 -21.98 -22.55
C THR B 74 9.62 -22.54 -21.28
N PRO B 75 8.56 -23.35 -21.41
CA PRO B 75 7.90 -23.95 -20.24
C PRO B 75 8.79 -24.91 -19.45
N ASN B 76 8.42 -25.12 -18.19
CA ASN B 76 9.15 -26.03 -17.31
C ASN B 76 8.37 -26.12 -16.02
N GLU B 77 8.91 -26.81 -15.03
CA GLU B 77 8.21 -26.97 -13.75
C GLU B 77 7.75 -25.64 -13.15
N GLU B 78 8.66 -24.68 -13.11
CA GLU B 78 8.31 -23.38 -12.55
C GLU B 78 7.20 -22.69 -13.33
N CYS B 79 6.77 -23.31 -14.42
CA CYS B 79 5.71 -22.76 -15.26
C CYS B 79 4.35 -23.40 -15.01
N LEU B 80 4.30 -24.39 -14.14
CA LEU B 80 3.02 -25.03 -13.84
C LEU B 80 2.34 -24.48 -12.59
N PHE B 81 1.02 -24.33 -12.69
CA PHE B 81 0.20 -23.83 -11.60
C PHE B 81 -1.03 -24.71 -11.45
N LEU B 82 -1.48 -24.88 -10.21
CA LEU B 82 -2.67 -25.68 -9.94
C LEU B 82 -3.80 -24.68 -9.93
N GLU B 83 -4.70 -24.81 -10.90
CA GLU B 83 -5.83 -23.92 -11.01
C GLU B 83 -6.97 -24.42 -10.18
N ARG B 84 -7.52 -23.57 -9.33
CA ARG B 84 -8.64 -23.99 -8.50
C ARG B 84 -9.74 -22.95 -8.44
N LEU B 85 -10.99 -23.40 -8.56
CA LEU B 85 -12.13 -22.51 -8.48
C LEU B 85 -12.61 -22.60 -7.05
N GLU B 86 -12.21 -21.64 -6.24
CA GLU B 86 -12.58 -21.61 -4.83
C GLU B 86 -14.08 -21.56 -4.64
N GLU B 87 -14.52 -21.67 -3.40
CA GLU B 87 -15.95 -21.65 -3.07
C GLU B 87 -16.52 -20.23 -3.16
N ASN B 88 -15.66 -19.23 -3.09
CA ASN B 88 -16.15 -17.86 -3.20
C ASN B 88 -16.24 -17.50 -4.69
N HIS B 89 -15.94 -18.49 -5.54
CA HIS B 89 -16.00 -18.36 -6.99
C HIS B 89 -14.93 -17.52 -7.68
N TYR B 90 -13.74 -17.51 -7.10
CA TYR B 90 -12.60 -16.82 -7.66
C TYR B 90 -11.64 -17.93 -7.97
N ASN B 91 -10.62 -17.61 -8.75
CA ASN B 91 -9.61 -18.57 -9.12
C ASN B 91 -8.32 -18.29 -8.42
N THR B 92 -7.69 -19.33 -7.90
CA THR B 92 -6.41 -19.19 -7.27
C THR B 92 -5.45 -20.03 -8.08
N TYR B 93 -4.20 -19.64 -8.07
CA TYR B 93 -3.16 -20.33 -8.81
C TYR B 93 -1.97 -20.48 -7.87
N ILE B 94 -1.63 -21.73 -7.56
CA ILE B 94 -0.52 -22.03 -6.69
C ILE B 94 0.58 -22.66 -7.52
N SER B 95 1.83 -22.34 -7.16
CA SER B 95 2.98 -22.89 -7.85
C SER B 95 2.94 -24.40 -7.73
N LYS B 96 3.11 -25.07 -8.84
CA LYS B 96 3.11 -26.53 -8.87
C LYS B 96 4.37 -26.97 -8.12
N LYS B 97 5.49 -26.36 -8.52
CA LYS B 97 6.80 -26.65 -7.95
C LYS B 97 6.85 -26.36 -6.46
N HIS B 98 6.31 -25.22 -6.06
CA HIS B 98 6.31 -24.81 -4.66
C HIS B 98 4.96 -25.00 -3.98
N ALA B 99 4.19 -25.97 -4.46
CA ALA B 99 2.87 -26.23 -3.91
C ALA B 99 2.86 -26.26 -2.38
N GLU B 100 3.85 -26.91 -1.79
CA GLU B 100 3.94 -27.03 -0.34
C GLU B 100 4.07 -25.69 0.35
N LYS B 101 5.07 -24.91 -0.07
CA LYS B 101 5.29 -23.59 0.50
C LYS B 101 4.03 -22.77 0.31
N ASN B 102 3.04 -23.41 -0.31
CA ASN B 102 1.72 -22.86 -0.61
C ASN B 102 1.71 -21.46 -1.26
N TRP B 103 2.76 -21.17 -2.04
CA TRP B 103 2.86 -19.89 -2.71
C TRP B 103 1.79 -19.74 -3.77
N PHE B 104 1.04 -18.64 -3.73
CA PHE B 104 0.00 -18.41 -4.71
C PHE B 104 0.50 -17.37 -5.68
N VAL B 105 -0.24 -17.19 -6.77
CA VAL B 105 0.11 -16.15 -7.72
C VAL B 105 -0.65 -14.95 -7.19
N GLY B 106 0.02 -13.83 -7.00
CA GLY B 106 -0.69 -12.69 -6.46
C GLY B 106 -0.11 -11.36 -6.86
N LEU B 107 -0.91 -10.32 -6.66
CA LEU B 107 -0.52 -8.95 -6.98
C LEU B 107 -0.89 -8.04 -5.80
N LYS B 108 0.03 -7.14 -5.44
CA LYS B 108 -0.21 -6.20 -4.35
C LYS B 108 -1.30 -5.22 -4.80
N LYS B 109 -1.74 -4.34 -3.91
CA LYS B 109 -2.76 -3.35 -4.25
C LYS B 109 -2.31 -2.47 -5.40
N ASN B 110 -1.06 -2.03 -5.34
CA ASN B 110 -0.48 -1.17 -6.37
C ASN B 110 -0.45 -1.88 -7.72
N GLY B 111 -0.44 -3.21 -7.68
CA GLY B 111 -0.43 -4.00 -8.90
C GLY B 111 0.89 -4.65 -9.21
N SER B 112 1.62 -5.03 -8.16
CA SER B 112 2.90 -5.67 -8.37
C SER B 112 2.95 -7.05 -7.74
N CYS B 113 3.74 -7.92 -8.33
CA CYS B 113 3.91 -9.29 -7.87
C CYS B 113 4.01 -9.33 -6.34
N LYS B 114 3.37 -10.31 -5.71
CA LYS B 114 3.45 -10.41 -4.26
C LYS B 114 4.11 -11.70 -3.82
N ARG B 115 5.33 -11.91 -4.34
CA ARG B 115 6.15 -13.07 -4.02
C ARG B 115 5.43 -14.13 -3.21
N GLY B 116 5.29 -15.30 -3.80
CA GLY B 116 4.61 -16.40 -3.15
C GLY B 116 4.71 -16.55 -1.64
N PRO B 117 5.92 -16.52 -1.07
CA PRO B 117 6.11 -16.67 0.37
C PRO B 117 5.27 -15.76 1.28
N ARG B 118 5.05 -14.53 0.84
CA ARG B 118 4.24 -13.60 1.63
C ARG B 118 2.76 -13.77 1.32
N THR B 119 2.44 -14.74 0.47
CA THR B 119 1.05 -15.02 0.10
C THR B 119 0.40 -16.02 1.04
N HIS B 120 -0.86 -15.78 1.36
CA HIS B 120 -1.61 -16.63 2.26
C HIS B 120 -2.99 -16.92 1.67
N TYR B 121 -3.53 -18.11 1.98
CA TYR B 121 -4.83 -18.50 1.46
C TYR B 121 -5.98 -17.55 1.82
N GLY B 122 -5.92 -16.96 3.01
CA GLY B 122 -6.97 -16.05 3.40
C GLY B 122 -6.90 -14.76 2.60
N GLN B 123 -5.72 -14.47 2.06
CA GLN B 123 -5.50 -13.24 1.31
C GLN B 123 -6.42 -12.93 0.13
N LYS B 124 -6.31 -11.70 -0.34
CA LYS B 124 -7.12 -11.13 -1.41
C LYS B 124 -6.33 -10.84 -2.69
N ALA B 125 -5.02 -11.02 -2.63
CA ALA B 125 -4.17 -10.76 -3.80
C ALA B 125 -4.10 -11.98 -4.69
N ILE B 126 -4.39 -13.14 -4.10
CA ILE B 126 -4.34 -14.41 -4.81
C ILE B 126 -5.59 -14.66 -5.65
N LEU B 127 -6.68 -13.97 -5.33
CA LEU B 127 -7.96 -14.14 -6.02
C LEU B 127 -8.07 -13.51 -7.40
N PHE B 128 -8.26 -14.34 -8.43
CA PHE B 128 -8.39 -13.86 -9.80
C PHE B 128 -9.71 -14.26 -10.45
N LEU B 129 -10.19 -13.40 -11.34
CA LEU B 129 -11.43 -13.66 -12.05
C LEU B 129 -11.05 -13.71 -13.53
N PRO B 130 -11.40 -14.81 -14.23
CA PRO B 130 -11.07 -14.97 -15.65
C PRO B 130 -12.00 -14.08 -16.47
N LEU B 131 -11.42 -13.13 -17.18
CA LEU B 131 -12.21 -12.20 -17.99
C LEU B 131 -11.92 -12.32 -19.48
N PRO B 132 -12.90 -11.91 -20.30
CA PRO B 132 -12.83 -11.91 -21.77
C PRO B 132 -11.89 -10.77 -22.13
N VAL B 133 -11.26 -10.85 -23.30
CA VAL B 133 -10.37 -9.80 -23.76
C VAL B 133 -11.12 -8.47 -23.86
N SER B 134 -12.24 -8.47 -24.58
CA SER B 134 -13.03 -7.25 -24.74
C SER B 134 -13.89 -7.01 -23.50
N ASN C 8 23.14 -5.86 -31.08
CA ASN C 8 22.54 -7.11 -31.65
C ASN C 8 21.02 -7.05 -31.56
N ARG C 9 20.53 -6.42 -30.49
CA ARG C 9 19.09 -6.31 -30.31
C ARG C 9 18.61 -4.88 -30.53
N MET C 10 17.33 -4.75 -30.87
CA MET C 10 16.69 -3.47 -31.11
C MET C 10 16.96 -2.51 -29.96
N PRO C 11 17.64 -1.38 -30.23
CA PRO C 11 17.97 -0.38 -29.21
C PRO C 11 16.78 0.14 -28.42
N VAL C 12 16.99 0.32 -27.12
CA VAL C 12 15.95 0.81 -26.20
C VAL C 12 16.59 1.77 -25.22
N ALA C 13 16.07 3.01 -25.17
CA ALA C 13 16.61 4.00 -24.24
C ALA C 13 16.23 3.61 -22.81
N PRO C 14 17.14 3.85 -21.85
CA PRO C 14 16.87 3.52 -20.45
C PRO C 14 15.54 4.02 -19.91
N TYR C 15 14.89 3.19 -19.11
CA TYR C 15 13.62 3.55 -18.54
C TYR C 15 13.56 3.01 -17.11
N TRP C 16 12.61 3.49 -16.32
CA TRP C 16 12.44 3.05 -14.94
C TRP C 16 11.62 1.77 -14.83
N THR C 17 12.21 0.77 -14.19
CA THR C 17 11.57 -0.50 -13.99
C THR C 17 10.61 -0.49 -12.82
N SER C 18 10.78 0.45 -11.89
CA SER C 18 9.92 0.53 -10.70
C SER C 18 9.71 1.95 -10.21
N PRO C 19 8.98 2.78 -10.97
CA PRO C 19 8.70 4.17 -10.64
C PRO C 19 8.23 4.39 -9.20
N GLU C 20 7.16 3.70 -8.82
CA GLU C 20 6.59 3.79 -7.48
C GLU C 20 7.69 3.93 -6.44
N LYS C 21 8.47 2.85 -6.29
CA LYS C 21 9.57 2.78 -5.33
C LYS C 21 10.57 3.96 -5.42
N MET C 22 10.21 4.98 -6.20
CA MET C 22 11.05 6.17 -6.38
C MET C 22 10.42 7.50 -5.91
N GLU C 23 9.12 7.50 -5.60
CA GLU C 23 8.43 8.73 -5.19
C GLU C 23 8.95 9.42 -3.93
N LYS C 24 9.41 8.64 -2.94
CA LYS C 24 9.94 9.22 -1.70
C LYS C 24 11.22 9.98 -1.98
N LYS C 25 11.09 11.18 -2.53
CA LYS C 25 12.25 12.00 -2.90
C LYS C 25 13.10 12.46 -1.73
N LEU C 26 12.47 12.92 -0.65
CA LEU C 26 13.21 13.38 0.54
C LEU C 26 13.41 12.31 1.60
N HIS C 27 14.68 12.03 1.90
CA HIS C 27 15.05 11.05 2.90
C HIS C 27 15.65 11.72 4.12
N ALA C 28 14.83 11.91 5.14
CA ALA C 28 15.32 12.52 6.37
C ALA C 28 15.51 11.37 7.34
N VAL C 29 16.71 11.23 7.87
CA VAL C 29 17.00 10.15 8.78
C VAL C 29 17.90 10.62 9.94
N PRO C 30 17.72 10.05 11.14
CA PRO C 30 18.58 10.48 12.25
C PRO C 30 20.03 10.03 12.07
N ALA C 31 20.98 10.84 12.52
CA ALA C 31 22.38 10.50 12.39
C ALA C 31 22.68 9.08 12.82
N ALA C 32 23.65 8.47 12.12
CA ALA C 32 24.12 7.10 12.37
C ALA C 32 23.27 6.03 11.68
N LYS C 33 22.11 6.41 11.15
CA LYS C 33 21.28 5.42 10.48
C LYS C 33 21.89 5.04 9.15
N THR C 34 21.25 4.11 8.46
CA THR C 34 21.70 3.63 7.16
C THR C 34 20.70 4.01 6.09
N VAL C 35 21.21 4.66 5.05
CA VAL C 35 20.38 5.11 3.95
C VAL C 35 20.63 4.31 2.65
N LYS C 36 19.55 4.06 1.92
CA LYS C 36 19.63 3.34 0.65
C LYS C 36 18.80 3.99 -0.43
N PHE C 37 19.42 4.35 -1.55
CA PHE C 37 18.69 4.94 -2.67
C PHE C 37 18.73 3.92 -3.80
N LYS C 38 17.59 3.69 -4.43
CA LYS C 38 17.49 2.72 -5.51
C LYS C 38 16.85 3.31 -6.77
N CYS C 39 17.46 3.06 -7.93
CA CYS C 39 16.91 3.54 -9.19
C CYS C 39 16.81 2.42 -10.20
N PRO C 40 15.89 1.46 -9.97
CA PRO C 40 15.68 0.31 -10.85
C PRO C 40 15.27 0.73 -12.24
N SER C 41 16.10 0.38 -13.21
CA SER C 41 15.82 0.72 -14.60
C SER C 41 16.32 -0.38 -15.55
N SER C 42 16.03 -0.22 -16.84
CA SER C 42 16.44 -1.18 -17.86
C SER C 42 16.59 -0.53 -19.23
N GLY C 43 17.01 -1.32 -20.22
CA GLY C 43 17.19 -0.82 -21.57
C GLY C 43 18.20 -1.61 -22.35
N THR C 44 18.16 -1.52 -23.68
CA THR C 44 19.09 -2.26 -24.51
C THR C 44 19.77 -1.33 -25.52
N PRO C 45 21.11 -1.34 -25.55
CA PRO C 45 21.92 -2.20 -24.68
C PRO C 45 21.62 -1.92 -23.20
N GLN C 46 22.11 -2.79 -22.33
CA GLN C 46 21.89 -2.64 -20.89
C GLN C 46 22.59 -1.39 -20.38
N PRO C 47 21.85 -0.49 -19.73
CA PRO C 47 22.41 0.77 -19.21
C PRO C 47 23.36 0.62 -18.03
N THR C 48 24.19 1.66 -17.85
CA THR C 48 25.14 1.73 -16.74
C THR C 48 24.55 2.62 -15.66
N LEU C 49 25.23 2.70 -14.52
CA LEU C 49 24.73 3.53 -13.42
C LEU C 49 25.85 4.22 -12.65
N ARG C 50 25.65 5.49 -12.36
CA ARG C 50 26.62 6.27 -11.59
C ARG C 50 25.83 7.26 -10.76
N TRP C 51 26.44 7.79 -9.70
CA TRP C 51 25.77 8.73 -8.80
C TRP C 51 26.47 10.06 -8.66
N LEU C 52 25.67 11.10 -8.47
CA LEU C 52 26.19 12.45 -8.22
C LEU C 52 25.75 12.83 -6.82
N LYS C 53 26.44 13.81 -6.26
CA LYS C 53 26.15 14.32 -4.92
C LYS C 53 26.31 15.83 -5.03
N ASN C 54 25.20 16.56 -4.93
CA ASN C 54 25.24 18.01 -5.02
C ASN C 54 25.83 18.53 -6.33
N GLY C 55 25.66 17.78 -7.41
CA GLY C 55 26.17 18.21 -8.69
C GLY C 55 27.38 17.48 -9.25
N LYS C 56 28.41 17.25 -8.44
CA LYS C 56 29.62 16.57 -8.94
C LYS C 56 29.60 15.04 -8.79
N GLU C 57 30.56 14.39 -9.45
CA GLU C 57 30.69 12.93 -9.38
C GLU C 57 30.84 12.49 -7.92
N PHE C 58 30.24 11.36 -7.58
CA PHE C 58 30.27 10.83 -6.22
C PHE C 58 31.04 9.53 -6.07
N LYS C 59 32.33 9.62 -5.79
CA LYS C 59 33.16 8.44 -5.61
C LYS C 59 33.19 8.02 -4.13
N PRO C 60 33.39 6.73 -3.86
CA PRO C 60 33.43 6.29 -2.47
C PRO C 60 34.49 6.94 -1.57
N ASP C 61 35.42 7.68 -2.18
CA ASP C 61 36.50 8.36 -1.45
C ASP C 61 35.99 9.70 -0.93
N HIS C 62 34.72 9.97 -1.19
CA HIS C 62 34.11 11.23 -0.78
C HIS C 62 33.49 11.24 0.61
N ARG C 63 33.37 10.07 1.22
CA ARG C 63 32.82 9.95 2.56
C ARG C 63 33.55 8.83 3.28
N ILE C 64 33.72 8.98 4.59
CA ILE C 64 34.41 7.95 5.35
C ILE C 64 33.73 6.60 5.17
N GLY C 65 34.52 5.57 4.93
CA GLY C 65 33.94 4.24 4.75
C GLY C 65 33.28 3.99 3.40
N GLY C 66 33.32 5.00 2.52
CA GLY C 66 32.71 4.86 1.19
C GLY C 66 31.25 4.45 1.25
N TYR C 67 30.82 3.65 0.29
CA TYR C 67 29.45 3.18 0.25
C TYR C 67 29.32 1.91 -0.58
N LYS C 68 28.16 1.26 -0.51
CA LYS C 68 27.93 0.04 -1.26
C LYS C 68 27.02 0.26 -2.46
N VAL C 69 27.45 -0.20 -3.63
CA VAL C 69 26.59 -0.10 -4.79
C VAL C 69 26.27 -1.54 -5.19
N ARG C 70 24.99 -1.84 -5.36
CA ARG C 70 24.55 -3.17 -5.76
C ARG C 70 23.80 -2.98 -7.08
N TYR C 71 24.51 -3.06 -8.19
CA TYR C 71 23.90 -2.86 -9.49
C TYR C 71 22.73 -3.81 -9.77
N ALA C 72 22.77 -5.00 -9.19
CA ALA C 72 21.70 -5.96 -9.40
C ALA C 72 20.39 -5.31 -8.98
N THR C 73 20.49 -4.38 -8.04
CA THR C 73 19.31 -3.69 -7.54
C THR C 73 19.33 -2.19 -7.82
N TRP C 74 20.27 -1.76 -8.66
CA TRP C 74 20.42 -0.34 -9.03
C TRP C 74 20.36 0.52 -7.78
N SER C 75 21.12 0.12 -6.78
CA SER C 75 21.11 0.84 -5.52
C SER C 75 22.46 1.26 -5.00
N ILE C 76 22.42 2.26 -4.13
CA ILE C 76 23.59 2.80 -3.47
C ILE C 76 23.21 2.65 -1.99
N ILE C 77 24.19 2.41 -1.13
CA ILE C 77 23.90 2.25 0.29
C ILE C 77 24.98 2.87 1.14
N MET C 78 24.57 3.73 2.06
CA MET C 78 25.52 4.41 2.94
C MET C 78 25.21 4.10 4.39
N ASP C 79 26.15 3.43 5.06
CA ASP C 79 25.98 3.08 6.47
C ASP C 79 26.50 4.21 7.38
N SER C 80 25.83 4.39 8.52
CA SER C 80 26.24 5.41 9.50
C SER C 80 26.22 6.83 8.93
N VAL C 81 25.05 7.29 8.52
CA VAL C 81 24.99 8.63 7.96
C VAL C 81 25.47 9.67 8.97
N VAL C 82 26.11 10.72 8.46
CA VAL C 82 26.63 11.81 9.28
C VAL C 82 26.22 13.11 8.59
N PRO C 83 26.29 14.24 9.31
CA PRO C 83 25.91 15.54 8.75
C PRO C 83 26.50 15.91 7.38
N SER C 84 27.76 15.55 7.17
CA SER C 84 28.42 15.86 5.90
C SER C 84 27.83 15.06 4.71
N ASP C 85 26.92 14.13 5.00
CA ASP C 85 26.28 13.33 3.96
C ASP C 85 25.05 14.06 3.44
N LYS C 86 24.65 15.12 4.12
CA LYS C 86 23.49 15.93 3.71
C LYS C 86 23.69 16.39 2.28
N GLY C 87 22.62 16.33 1.48
CA GLY C 87 22.72 16.77 0.12
C GLY C 87 21.84 16.03 -0.84
N ASN C 88 21.99 16.36 -2.12
CA ASN C 88 21.20 15.73 -3.15
C ASN C 88 21.93 14.56 -3.80
N TYR C 89 21.23 13.46 -3.94
CA TYR C 89 21.80 12.28 -4.56
C TYR C 89 21.06 11.96 -5.84
N THR C 90 21.79 12.02 -6.94
CA THR C 90 21.25 11.79 -8.27
C THR C 90 21.91 10.61 -8.96
N CYS C 91 21.07 9.72 -9.45
CA CYS C 91 21.55 8.55 -10.16
C CYS C 91 21.39 8.81 -11.65
N ILE C 92 22.39 8.39 -12.43
CA ILE C 92 22.34 8.57 -13.86
C ILE C 92 22.43 7.22 -14.53
N VAL C 93 21.40 6.90 -15.29
CA VAL C 93 21.35 5.65 -16.01
C VAL C 93 21.58 5.98 -17.48
N GLU C 94 22.64 5.43 -18.02
CA GLU C 94 22.95 5.71 -19.39
C GLU C 94 23.44 4.54 -20.26
N ASN C 95 23.02 4.58 -21.51
CA ASN C 95 23.46 3.62 -22.54
C ASN C 95 23.53 4.43 -23.82
N GLU C 96 24.15 3.89 -24.86
CA GLU C 96 24.33 4.61 -26.13
C GLU C 96 23.09 5.35 -26.64
N TYR C 97 21.91 4.96 -26.22
CA TYR C 97 20.70 5.59 -26.72
C TYR C 97 19.90 6.48 -25.77
N GLY C 98 20.51 6.93 -24.70
CA GLY C 98 19.77 7.78 -23.78
C GLY C 98 20.27 7.89 -22.36
N SER C 99 19.57 8.71 -21.58
CA SER C 99 19.89 8.98 -20.19
C SER C 99 18.67 9.40 -19.41
N ILE C 100 18.52 8.85 -18.21
CA ILE C 100 17.44 9.25 -17.32
C ILE C 100 18.12 9.47 -15.98
N ASN C 101 17.43 10.22 -15.10
CA ASN C 101 17.96 10.50 -13.79
C ASN C 101 16.88 10.80 -12.77
N HIS C 102 17.22 10.60 -11.52
CA HIS C 102 16.30 10.88 -10.44
C HIS C 102 17.15 11.44 -9.33
N THR C 103 16.58 12.34 -8.56
CA THR C 103 17.34 12.96 -7.49
C THR C 103 16.69 12.83 -6.13
N TYR C 104 17.45 12.27 -5.20
CA TYR C 104 16.98 12.12 -3.84
C TYR C 104 17.67 13.18 -2.98
N GLN C 105 16.94 13.65 -1.98
CA GLN C 105 17.48 14.64 -1.04
C GLN C 105 17.69 13.93 0.29
N LEU C 106 18.93 13.88 0.72
CA LEU C 106 19.23 13.26 1.99
C LEU C 106 19.48 14.31 3.06
N ASP C 107 18.72 14.22 4.15
CA ASP C 107 18.88 15.12 5.28
C ASP C 107 19.19 14.26 6.51
N VAL C 108 20.33 14.54 7.15
CA VAL C 108 20.77 13.80 8.34
C VAL C 108 20.55 14.61 9.62
N VAL C 109 19.53 14.20 10.38
CA VAL C 109 19.15 14.86 11.61
C VAL C 109 19.86 14.39 12.86
N GLU C 110 20.34 15.35 13.64
CA GLU C 110 21.03 15.08 14.88
C GLU C 110 20.06 15.28 16.02
N ARG C 111 19.98 14.32 16.92
CA ARG C 111 19.06 14.47 18.03
C ARG C 111 19.76 14.83 19.34
N SER C 112 19.03 15.51 20.21
CA SER C 112 19.54 15.89 21.52
C SER C 112 18.78 15.12 22.59
N PRO C 113 19.14 13.84 22.82
CA PRO C 113 18.44 13.04 23.83
C PRO C 113 18.96 13.43 25.23
N HIS C 114 18.79 14.70 25.55
CA HIS C 114 19.26 15.24 26.82
C HIS C 114 18.24 16.18 27.45
N ARG C 115 18.47 16.51 28.71
CA ARG C 115 17.58 17.42 29.41
C ARG C 115 17.84 18.82 28.81
N PRO C 116 16.90 19.76 29.02
CA PRO C 116 17.05 21.12 28.49
C PRO C 116 18.34 21.80 28.92
N ILE C 117 18.93 22.55 27.99
CA ILE C 117 20.14 23.30 28.27
C ILE C 117 19.63 24.72 28.53
N LEU C 118 20.03 25.31 29.65
CA LEU C 118 19.57 26.68 29.94
C LEU C 118 20.64 27.68 29.55
N GLN C 119 20.23 28.82 29.02
CA GLN C 119 21.21 29.82 28.62
C GLN C 119 22.06 30.32 29.78
N ALA C 120 23.35 30.45 29.52
CA ALA C 120 24.29 30.93 30.52
C ALA C 120 23.95 32.36 30.94
N GLY C 121 23.99 32.63 32.25
CA GLY C 121 23.67 33.95 32.73
C GLY C 121 22.25 34.10 33.23
N LEU C 122 21.29 33.90 32.32
CA LEU C 122 19.88 34.01 32.64
C LEU C 122 19.38 32.84 33.49
N PRO C 123 18.55 33.11 34.52
CA PRO C 123 18.11 34.46 34.88
C PRO C 123 19.19 35.09 35.77
N ALA C 124 19.50 36.36 35.52
CA ALA C 124 20.53 37.06 36.30
C ALA C 124 20.06 37.49 37.68
N ASN C 125 20.94 37.35 38.66
CA ASN C 125 20.63 37.74 40.04
C ASN C 125 20.29 39.23 40.09
N LYS C 126 19.59 39.65 41.15
CA LYS C 126 19.19 41.05 41.32
C LYS C 126 18.87 41.50 42.76
N THR C 127 18.99 42.79 43.00
CA THR C 127 18.70 43.44 44.29
C THR C 127 18.13 44.79 43.86
N VAL C 128 16.82 44.95 43.96
CA VAL C 128 16.22 46.20 43.52
C VAL C 128 15.49 47.09 44.55
N ALA C 129 14.89 48.14 44.01
CA ALA C 129 14.15 49.12 44.81
C ALA C 129 12.66 48.82 44.81
N LEU C 130 12.06 48.90 45.99
CA LEU C 130 10.64 48.63 46.18
C LEU C 130 9.71 49.25 45.13
N GLY C 131 8.58 48.59 44.93
CA GLY C 131 7.58 49.09 43.99
C GLY C 131 7.95 49.04 42.52
N SER C 132 9.20 48.75 42.21
CA SER C 132 9.60 48.66 40.82
C SER C 132 9.25 47.29 40.28
N ASN C 133 8.89 47.24 39.01
CA ASN C 133 8.52 46.00 38.34
C ASN C 133 9.78 45.31 37.79
N VAL C 134 10.11 44.15 38.34
CA VAL C 134 11.27 43.40 37.94
C VAL C 134 10.96 42.16 37.09
N GLU C 135 11.73 41.95 36.05
CA GLU C 135 11.55 40.79 35.18
C GLU C 135 12.64 39.73 35.40
N PHE C 136 12.49 38.61 34.71
CA PHE C 136 13.44 37.51 34.79
C PHE C 136 13.34 36.74 33.49
N MET C 137 14.45 36.68 32.75
CA MET C 137 14.46 35.96 31.49
C MET C 137 15.13 34.62 31.61
N CYS C 138 14.50 33.60 31.05
CA CYS C 138 15.06 32.26 31.05
C CYS C 138 14.97 31.79 29.62
N LYS C 139 16.09 31.42 29.03
CA LYS C 139 16.09 30.95 27.66
C LYS C 139 16.55 29.52 27.60
N VAL C 140 15.79 28.69 26.89
CA VAL C 140 16.03 27.26 26.82
C VAL C 140 16.17 26.58 25.46
N TYR C 141 17.13 25.66 25.40
CA TYR C 141 17.33 24.86 24.21
C TYR C 141 16.89 23.45 24.56
N SER C 142 15.96 22.92 23.78
CA SER C 142 15.49 21.57 23.99
C SER C 142 14.89 21.00 22.72
N ASP C 143 15.34 19.79 22.37
CA ASP C 143 14.86 19.06 21.22
C ASP C 143 13.44 18.61 21.56
N PRO C 144 13.26 17.60 22.44
CA PRO C 144 11.86 17.27 22.71
C PRO C 144 11.25 18.50 23.37
N GLN C 145 10.00 18.83 23.03
CA GLN C 145 9.35 20.01 23.58
C GLN C 145 9.55 20.18 25.07
N PRO C 146 10.04 21.35 25.49
CA PRO C 146 10.21 21.46 26.93
C PRO C 146 9.00 22.12 27.56
N HIS C 147 8.99 22.10 28.89
CA HIS C 147 7.94 22.71 29.68
C HIS C 147 8.69 23.57 30.69
N ILE C 148 8.26 24.80 30.88
CA ILE C 148 8.92 25.71 31.79
C ILE C 148 8.02 26.10 32.93
N GLN C 149 8.63 26.28 34.10
CA GLN C 149 7.96 26.66 35.32
C GLN C 149 8.90 27.50 36.14
N TRP C 150 8.35 28.54 36.76
CA TRP C 150 9.16 29.42 37.61
C TRP C 150 8.81 29.08 39.06
N LEU C 151 9.80 29.02 39.92
CA LEU C 151 9.55 28.69 41.32
C LEU C 151 10.15 29.75 42.27
N LYS C 152 9.64 29.78 43.50
CA LYS C 152 10.11 30.72 44.52
C LYS C 152 10.63 29.91 45.70
N HIS C 153 11.89 30.12 46.05
CA HIS C 153 12.45 29.37 47.15
C HIS C 153 11.86 29.77 48.49
N ILE C 154 10.86 28.99 48.91
CA ILE C 154 10.15 29.20 50.16
C ILE C 154 11.07 28.97 51.36
N GLU C 155 10.68 29.58 52.48
CA GLU C 155 11.42 29.45 53.73
C GLU C 155 10.41 29.15 54.83
N VAL C 156 9.72 28.01 54.72
CA VAL C 156 8.71 27.62 55.70
C VAL C 156 9.35 27.27 57.05
N ASN C 157 8.91 27.98 58.10
CA ASN C 157 9.42 27.81 59.46
C ASN C 157 10.74 28.56 59.62
N GLY C 158 11.84 27.86 59.39
CA GLY C 158 13.13 28.49 59.51
C GLY C 158 14.06 27.91 58.48
N SER C 159 13.71 26.71 58.02
CA SER C 159 14.49 25.98 57.04
C SER C 159 14.08 26.28 55.60
N LYS C 160 15.10 26.38 54.74
CA LYS C 160 14.90 26.63 53.32
C LYS C 160 15.06 25.28 52.61
N ILE C 161 15.65 24.32 53.32
CA ILE C 161 15.86 22.98 52.83
C ILE C 161 14.83 22.08 53.49
N GLY C 162 14.04 21.40 52.66
CA GLY C 162 13.01 20.53 53.19
C GLY C 162 13.48 19.18 53.71
N PRO C 163 12.55 18.34 54.20
CA PRO C 163 12.82 17.01 54.75
C PRO C 163 12.95 15.96 53.63
N ASP C 164 14.10 15.98 52.99
CA ASP C 164 14.44 15.08 51.88
C ASP C 164 15.60 15.78 51.17
N ASN C 165 16.15 16.76 51.87
CA ASN C 165 17.28 17.56 51.42
C ASN C 165 16.97 18.41 50.18
N LEU C 166 15.68 18.55 49.87
CA LEU C 166 15.28 19.34 48.72
C LEU C 166 14.71 20.70 49.14
N PRO C 167 15.36 21.81 48.71
CA PRO C 167 14.97 23.18 49.01
C PRO C 167 13.48 23.47 48.84
N TYR C 168 12.91 24.15 49.82
CA TYR C 168 11.50 24.50 49.78
C TYR C 168 11.18 25.47 48.65
N VAL C 169 10.08 25.22 47.94
CA VAL C 169 9.69 26.07 46.84
C VAL C 169 8.20 26.22 46.71
N GLN C 170 7.80 27.15 45.86
CA GLN C 170 6.40 27.40 45.58
C GLN C 170 6.35 27.73 44.09
N ILE C 171 5.46 27.04 43.37
CA ILE C 171 5.34 27.25 41.94
C ILE C 171 4.70 28.60 41.70
N LEU C 172 5.37 29.43 40.90
CA LEU C 172 4.88 30.76 40.59
C LEU C 172 4.18 30.91 39.24
N LYS C 173 4.70 30.24 38.24
CA LYS C 173 4.15 30.34 36.88
C LYS C 173 4.46 29.05 36.12
N THR C 174 3.42 28.49 35.49
CA THR C 174 3.54 27.26 34.75
C THR C 174 3.07 27.45 33.30
N ALA C 175 3.72 26.74 32.38
CA ALA C 175 3.35 26.80 30.97
C ALA C 175 2.16 25.88 30.73
N GLY C 176 1.25 26.32 29.88
CA GLY C 176 0.09 25.52 29.57
C GLY C 176 -0.48 26.06 28.29
N VAL C 177 -1.47 25.40 27.69
CA VAL C 177 -2.03 25.93 26.46
C VAL C 177 -2.38 27.37 26.83
N ASN C 178 -1.95 28.29 25.98
CA ASN C 178 -2.14 29.74 26.15
C ASN C 178 -0.73 30.31 26.33
N THR C 179 -0.55 31.16 27.34
CA THR C 179 0.73 31.78 27.66
C THR C 179 1.62 32.10 26.45
N THR C 180 2.20 31.05 25.86
CA THR C 180 3.11 31.07 24.70
C THR C 180 4.50 30.64 25.13
N ASP C 181 5.23 30.03 24.21
CA ASP C 181 6.57 29.57 24.47
C ASP C 181 7.38 30.76 24.99
N LYS C 182 7.03 31.96 24.53
CA LYS C 182 7.75 33.17 24.91
C LYS C 182 7.23 33.91 26.15
N GLU C 183 6.00 33.61 26.58
CA GLU C 183 5.47 34.29 27.76
C GLU C 183 6.00 33.63 29.04
N MET C 184 6.34 32.35 28.95
CA MET C 184 6.88 31.61 30.09
C MET C 184 8.35 31.95 30.25
N GLU C 185 8.96 32.31 29.13
CA GLU C 185 10.37 32.68 29.04
C GLU C 185 10.71 33.80 30.02
N VAL C 186 9.67 34.39 30.62
CA VAL C 186 9.87 35.49 31.54
C VAL C 186 8.93 35.47 32.73
N LEU C 187 9.48 35.81 33.88
CA LEU C 187 8.73 35.89 35.12
C LEU C 187 8.72 37.36 35.48
N HIS C 188 7.54 37.96 35.47
CA HIS C 188 7.43 39.38 35.77
C HIS C 188 6.75 39.65 37.12
N LEU C 189 7.41 40.44 37.96
CA LEU C 189 6.88 40.80 39.26
C LEU C 189 6.22 42.18 39.20
N ARG C 190 5.35 42.47 40.18
CA ARG C 190 4.65 43.75 40.20
C ARG C 190 5.25 44.78 41.16
N ASN C 191 4.49 45.19 42.19
CA ASN C 191 5.02 46.16 43.13
C ASN C 191 5.84 45.39 44.16
N VAL C 192 6.98 44.87 43.73
CA VAL C 192 7.84 44.09 44.61
C VAL C 192 7.89 44.63 46.02
N SER C 193 7.81 43.72 47.00
CA SER C 193 7.85 44.11 48.39
C SER C 193 9.11 43.58 49.05
N PHE C 194 9.03 43.37 50.36
CA PHE C 194 10.15 42.87 51.15
C PHE C 194 10.13 41.37 51.14
N GLU C 195 8.99 40.79 51.49
CA GLU C 195 8.83 39.34 51.53
C GLU C 195 9.13 38.70 50.18
N ASP C 196 9.18 39.52 49.14
CA ASP C 196 9.48 39.06 47.79
C ASP C 196 10.98 38.94 47.62
N ALA C 197 11.65 38.68 48.73
CA ALA C 197 13.09 38.53 48.76
C ALA C 197 13.43 37.04 48.78
N GLY C 198 14.40 36.65 47.97
CA GLY C 198 14.78 35.26 47.91
C GLY C 198 15.31 34.83 46.56
N GLU C 199 15.38 33.52 46.38
CA GLU C 199 15.89 32.94 45.15
C GLU C 199 14.77 32.46 44.24
N TYR C 200 14.80 32.94 43.00
CA TYR C 200 13.80 32.59 42.00
C TYR C 200 14.42 31.59 41.01
N THR C 201 13.78 30.44 40.90
CA THR C 201 14.28 29.37 40.04
C THR C 201 13.44 29.05 38.82
N CYS C 202 14.11 28.90 37.68
CA CYS C 202 13.41 28.53 36.47
C CYS C 202 13.67 27.04 36.22
N LEU C 203 12.59 26.27 36.09
CA LEU C 203 12.73 24.84 35.88
C LEU C 203 12.26 24.43 34.49
N ALA C 204 13.19 23.90 33.69
CA ALA C 204 12.86 23.45 32.34
C ALA C 204 13.00 21.94 32.29
N GLY C 205 11.89 21.26 31.99
CA GLY C 205 11.96 19.83 31.90
C GLY C 205 11.39 19.21 30.64
N ASN C 206 12.05 18.18 30.12
CA ASN C 206 11.54 17.45 28.95
C ASN C 206 11.43 15.96 29.30
N SER C 207 10.90 15.17 28.37
CA SER C 207 10.72 13.75 28.60
C SER C 207 11.98 13.01 29.03
N ILE C 208 13.11 13.68 28.98
CA ILE C 208 14.37 13.05 29.36
C ILE C 208 14.87 13.45 30.74
N GLY C 209 14.78 14.73 31.06
CA GLY C 209 15.22 15.21 32.36
C GLY C 209 14.87 16.67 32.62
N LEU C 210 15.31 17.18 33.76
CA LEU C 210 15.07 18.56 34.10
C LEU C 210 16.33 19.36 34.39
N SER C 211 16.30 20.63 34.01
CA SER C 211 17.44 21.50 34.24
C SER C 211 16.95 22.74 34.95
N HIS C 212 17.81 23.38 35.73
CA HIS C 212 17.39 24.59 36.41
C HIS C 212 18.46 25.64 36.64
N HIS C 213 18.01 26.89 36.65
CA HIS C 213 18.86 28.04 36.87
C HIS C 213 18.23 28.89 37.96
N SER C 214 19.07 29.47 38.81
CA SER C 214 18.58 30.30 39.88
C SER C 214 19.10 31.72 39.77
N ALA C 215 18.52 32.60 40.57
CA ALA C 215 18.90 34.00 40.60
C ALA C 215 18.37 34.50 41.93
N TRP C 216 19.10 35.37 42.58
CA TRP C 216 18.67 35.89 43.88
C TRP C 216 18.14 37.30 43.77
N LEU C 217 17.21 37.66 44.65
CA LEU C 217 16.66 39.00 44.67
C LEU C 217 16.42 39.47 46.11
N THR C 218 17.24 40.43 46.54
CA THR C 218 17.15 40.99 47.90
C THR C 218 16.37 42.31 47.87
N VAL C 219 15.54 42.52 48.89
CA VAL C 219 14.69 43.71 48.98
C VAL C 219 15.22 44.85 49.84
N LEU C 220 15.16 46.05 49.26
CA LEU C 220 15.59 47.29 49.92
C LEU C 220 15.08 48.50 49.16
N ASN D 8 -23.18 31.47 3.18
CA ASN D 8 -22.59 32.11 4.39
C ASN D 8 -21.08 32.03 4.33
N ARG D 9 -20.58 30.92 3.79
CA ARG D 9 -19.15 30.69 3.68
C ARG D 9 -18.67 30.81 2.24
N MET D 10 -17.39 31.16 2.10
CA MET D 10 -16.76 31.29 0.80
C MET D 10 -17.02 30.06 -0.06
N PRO D 11 -17.71 30.24 -1.21
CA PRO D 11 -18.04 29.15 -2.13
C PRO D 11 -16.85 28.30 -2.57
N VAL D 12 -17.06 26.98 -2.63
CA VAL D 12 -16.04 26.03 -3.04
C VAL D 12 -16.65 24.97 -3.93
N ALA D 13 -16.14 24.83 -5.15
CA ALA D 13 -16.67 23.81 -6.08
C ALA D 13 -16.29 22.40 -5.57
N PRO D 14 -17.20 21.43 -5.72
CA PRO D 14 -16.92 20.07 -5.27
C PRO D 14 -15.58 19.50 -5.72
N TYR D 15 -14.95 18.77 -4.83
CA TYR D 15 -13.67 18.16 -5.14
C TYR D 15 -13.60 16.79 -4.47
N TRP D 16 -12.66 15.95 -4.91
CA TRP D 16 -12.49 14.61 -4.34
C TRP D 16 -11.68 14.63 -3.04
N THR D 17 -12.27 14.09 -1.98
CA THR D 17 -11.55 14.04 -0.71
C THR D 17 -10.63 12.84 -0.62
N SER D 18 -10.80 11.84 -1.49
CA SER D 18 -9.95 10.63 -1.45
C SER D 18 -9.75 10.01 -2.82
N PRO D 19 -9.01 10.70 -3.72
CA PRO D 19 -8.71 10.26 -5.09
C PRO D 19 -8.24 8.81 -5.19
N GLU D 20 -7.18 8.49 -4.46
CA GLU D 20 -6.62 7.14 -4.44
C GLU D 20 -7.71 6.09 -4.48
N LYS D 21 -8.49 6.03 -3.40
CA LYS D 21 -9.59 5.08 -3.26
C LYS D 21 -10.59 5.07 -4.44
N MET D 22 -10.23 5.76 -5.53
CA MET D 22 -11.08 5.83 -6.72
C MET D 22 -10.45 5.27 -8.00
N GLU D 23 -9.15 4.95 -7.95
CA GLU D 23 -8.47 4.44 -9.15
C GLU D 23 -8.98 3.11 -9.72
N LYS D 24 -9.44 2.18 -8.87
CA LYS D 24 -9.95 0.91 -9.39
C LYS D 24 -11.24 1.14 -10.13
N LYS D 25 -11.12 1.57 -11.38
CA LYS D 25 -12.29 1.87 -12.21
C LYS D 25 -13.14 0.66 -12.58
N LEU D 26 -12.49 -0.46 -12.93
CA LEU D 26 -13.24 -1.67 -13.29
C LEU D 26 -13.44 -2.64 -12.14
N HIS D 27 -14.69 -2.91 -11.83
CA HIS D 27 -15.07 -3.82 -10.74
C HIS D 27 -15.66 -5.10 -11.30
N ALA D 28 -14.84 -6.14 -11.43
CA ALA D 28 -15.32 -7.43 -11.92
C ALA D 28 -15.51 -8.30 -10.70
N VAL D 29 -16.72 -8.81 -10.51
CA VAL D 29 -17.00 -9.64 -9.35
C VAL D 29 -17.90 -10.83 -9.71
N PRO D 30 -17.71 -11.98 -9.04
CA PRO D 30 -18.57 -13.13 -9.37
C PRO D 30 -20.01 -12.89 -8.94
N ALA D 31 -20.96 -13.42 -9.70
CA ALA D 31 -22.37 -13.25 -9.38
C ALA D 31 -22.67 -13.56 -7.93
N ALA D 32 -23.64 -12.82 -7.38
CA ALA D 32 -24.10 -12.95 -5.99
C ALA D 32 -23.25 -12.18 -4.98
N LYS D 33 -22.10 -11.67 -5.40
CA LYS D 33 -21.26 -10.93 -4.48
C LYS D 33 -21.87 -9.56 -4.22
N THR D 34 -21.22 -8.80 -3.35
CA THR D 34 -21.68 -7.48 -2.99
C THR D 34 -20.68 -6.42 -3.45
N VAL D 35 -21.20 -5.44 -4.18
CA VAL D 35 -20.38 -4.39 -4.73
C VAL D 35 -20.61 -3.04 -4.07
N LYS D 36 -19.54 -2.28 -3.88
CA LYS D 36 -19.64 -0.96 -3.27
C LYS D 36 -18.80 0.07 -4.01
N PHE D 37 -19.43 1.15 -4.48
CA PHE D 37 -18.69 2.21 -5.15
C PHE D 37 -18.75 3.43 -4.21
N LYS D 38 -17.61 4.08 -4.04
CA LYS D 38 -17.49 5.25 -3.17
C LYS D 38 -16.87 6.46 -3.89
N CYS D 39 -17.48 7.62 -3.72
CA CYS D 39 -16.93 8.84 -4.32
C CYS D 39 -16.85 9.95 -3.29
N PRO D 40 -15.92 9.81 -2.33
CA PRO D 40 -15.70 10.78 -1.25
C PRO D 40 -15.30 12.13 -1.78
N SER D 41 -16.14 13.12 -1.53
CA SER D 41 -15.86 14.48 -1.97
C SER D 41 -16.35 15.52 -0.95
N SER D 42 -16.07 16.79 -1.22
CA SER D 42 -16.49 17.88 -0.35
C SER D 42 -16.63 19.21 -1.13
N GLY D 43 -17.06 20.25 -0.42
CA GLY D 43 -17.23 21.55 -1.04
C GLY D 43 -18.25 22.39 -0.30
N THR D 44 -18.22 23.70 -0.51
CA THR D 44 -19.17 24.59 0.15
C THR D 44 -19.83 25.51 -0.87
N PRO D 45 -21.16 25.56 -0.86
CA PRO D 45 -21.96 24.77 0.08
C PRO D 45 -21.68 23.28 -0.07
N GLN D 46 -22.16 22.48 0.87
CA GLN D 46 -21.94 21.04 0.84
C GLN D 46 -22.65 20.42 -0.36
N PRO D 47 -21.90 19.69 -1.19
CA PRO D 47 -22.46 19.05 -2.39
C PRO D 47 -23.41 17.89 -2.16
N THR D 48 -24.23 17.63 -3.16
CA THR D 48 -25.19 16.52 -3.13
C THR D 48 -24.60 15.36 -3.95
N LEU D 49 -25.27 14.20 -3.93
CA LEU D 49 -24.77 13.04 -4.67
C LEU D 49 -25.88 12.23 -5.28
N ARG D 50 -25.68 11.83 -6.52
CA ARG D 50 -26.65 10.99 -7.22
C ARG D 50 -25.85 10.06 -8.14
N TRP D 51 -26.47 8.96 -8.56
CA TRP D 51 -25.81 7.99 -9.42
C TRP D 51 -26.51 7.74 -10.75
N LEU D 52 -25.72 7.45 -11.76
CA LEU D 52 -26.22 7.11 -13.08
C LEU D 52 -25.78 5.67 -13.36
N LYS D 53 -26.48 5.01 -14.27
CA LYS D 53 -26.17 3.64 -14.66
C LYS D 53 -26.35 3.62 -16.18
N ASN D 54 -25.25 3.46 -16.91
CA ASN D 54 -25.28 3.43 -18.37
C ASN D 54 -25.87 4.69 -19.00
N GLY D 55 -25.70 5.83 -18.33
CA GLY D 55 -26.22 7.07 -18.87
C GLY D 55 -27.42 7.68 -18.19
N LYS D 56 -28.45 6.90 -17.89
CA LYS D 56 -29.66 7.45 -17.25
C LYS D 56 -29.64 7.45 -15.72
N GLU D 57 -30.60 8.15 -15.11
CA GLU D 57 -30.72 8.20 -13.66
C GLU D 57 -30.87 6.79 -13.10
N PHE D 58 -30.26 6.55 -11.94
CA PHE D 58 -30.28 5.23 -11.30
C PHE D 58 -31.07 5.21 -9.98
N LYS D 59 -32.36 4.90 -10.05
CA LYS D 59 -33.18 4.84 -8.85
C LYS D 59 -33.21 3.39 -8.32
N PRO D 60 -33.40 3.23 -7.00
CA PRO D 60 -33.42 1.86 -6.46
C PRO D 60 -34.50 0.92 -7.02
N ASP D 61 -35.44 1.46 -7.81
CA ASP D 61 -36.50 0.65 -8.40
C ASP D 61 -36.00 0.04 -9.69
N HIS D 62 -34.74 0.28 -10.00
CA HIS D 62 -34.13 -0.22 -11.22
C HIS D 62 -33.50 -1.60 -11.12
N ARG D 63 -33.38 -2.11 -9.89
CA ARG D 63 -32.83 -3.43 -9.67
C ARG D 63 -33.55 -4.05 -8.49
N ILE D 64 -33.71 -5.37 -8.53
CA ILE D 64 -34.39 -6.07 -7.44
C ILE D 64 -33.71 -5.76 -6.11
N GLY D 65 -34.51 -5.44 -5.10
CA GLY D 65 -33.95 -5.13 -3.79
C GLY D 65 -33.28 -3.77 -3.67
N GLY D 66 -33.34 -2.97 -4.73
CA GLY D 66 -32.73 -1.65 -4.73
C GLY D 66 -31.26 -1.66 -4.32
N TYR D 67 -30.83 -0.64 -3.59
CA TYR D 67 -29.45 -0.56 -3.12
C TYR D 67 -29.34 0.38 -1.93
N LYS D 68 -28.19 0.36 -1.27
CA LYS D 68 -27.97 1.23 -0.12
C LYS D 68 -27.03 2.39 -0.44
N VAL D 69 -27.46 3.60 -0.10
CA VAL D 69 -26.62 4.77 -0.28
C VAL D 69 -26.28 5.29 1.10
N ARG D 70 -25.00 5.48 1.38
CA ARG D 70 -24.57 5.99 2.66
C ARG D 70 -23.80 7.27 2.38
N TYR D 71 -24.53 8.39 2.37
CA TYR D 71 -23.93 9.68 2.07
C TYR D 71 -22.76 10.05 2.97
N ALA D 72 -22.78 9.57 4.22
CA ALA D 72 -21.70 9.86 5.15
C ALA D 72 -20.40 9.39 4.54
N THR D 73 -20.50 8.37 3.70
CA THR D 73 -19.34 7.79 3.03
C THR D 73 -19.36 7.96 1.52
N TRP D 74 -20.30 8.76 1.02
CA TRP D 74 -20.42 9.01 -0.41
C TRP D 74 -20.37 7.69 -1.17
N SER D 75 -21.13 6.73 -0.69
CA SER D 75 -21.12 5.42 -1.30
C SER D 75 -22.47 4.87 -1.69
N ILE D 76 -22.42 3.91 -2.60
CA ILE D 76 -23.60 3.20 -3.06
C ILE D 76 -23.22 1.73 -2.79
N ILE D 77 -24.20 0.90 -2.48
CA ILE D 77 -23.91 -0.50 -2.19
C ILE D 77 -24.99 -1.39 -2.76
N MET D 78 -24.58 -2.38 -3.54
CA MET D 78 -25.52 -3.32 -4.14
C MET D 78 -25.19 -4.74 -3.71
N ASP D 79 -26.12 -5.34 -2.98
CA ASP D 79 -25.98 -6.71 -2.48
C ASP D 79 -26.51 -7.74 -3.51
N SER D 80 -25.83 -8.89 -3.61
CA SER D 80 -26.25 -9.95 -4.54
C SER D 80 -26.22 -9.52 -6.01
N VAL D 81 -25.05 -9.14 -6.51
CA VAL D 81 -24.98 -8.71 -7.90
C VAL D 81 -25.47 -9.80 -8.85
N VAL D 82 -26.12 -9.37 -9.94
CA VAL D 82 -26.62 -10.27 -10.97
C VAL D 82 -26.22 -9.70 -12.32
N PRO D 83 -26.28 -10.51 -13.39
CA PRO D 83 -25.91 -10.06 -14.73
C PRO D 83 -26.51 -8.75 -15.20
N SER D 84 -27.78 -8.50 -14.86
CA SER D 84 -28.42 -7.26 -15.28
C SER D 84 -27.85 -6.02 -14.58
N ASP D 85 -26.94 -6.22 -13.64
CA ASP D 85 -26.31 -5.12 -12.94
C ASP D 85 -25.07 -4.66 -13.70
N LYS D 86 -24.65 -5.43 -14.70
CA LYS D 86 -23.46 -5.04 -15.45
C LYS D 86 -23.68 -3.69 -16.12
N GLY D 87 -22.63 -2.88 -16.11
CA GLY D 87 -22.75 -1.57 -16.72
C GLY D 87 -21.86 -0.54 -16.05
N ASN D 88 -22.01 0.70 -16.49
CA ASN D 88 -21.23 1.77 -15.92
C ASN D 88 -21.97 2.52 -14.82
N TYR D 89 -21.25 2.77 -13.74
CA TYR D 89 -21.83 3.48 -12.61
C TYR D 89 -21.07 4.78 -12.40
N THR D 90 -21.82 5.86 -12.53
CA THR D 90 -21.29 7.22 -12.45
C THR D 90 -21.95 8.02 -11.34
N CYS D 91 -21.12 8.57 -10.47
CA CYS D 91 -21.61 9.37 -9.39
C CYS D 91 -21.43 10.83 -9.77
N ILE D 92 -22.43 11.65 -9.42
CA ILE D 92 -22.38 13.06 -9.72
C ILE D 92 -22.46 13.84 -8.42
N VAL D 93 -21.43 14.63 -8.18
CA VAL D 93 -21.35 15.45 -6.99
C VAL D 93 -21.61 16.88 -7.44
N GLU D 94 -22.69 17.46 -6.94
CA GLU D 94 -23.04 18.79 -7.34
C GLU D 94 -23.51 19.77 -6.25
N ASN D 95 -23.07 21.02 -6.40
CA ASN D 95 -23.48 22.11 -5.52
C ASN D 95 -23.58 23.32 -6.45
N GLU D 96 -24.20 24.41 -5.99
CA GLU D 96 -24.38 25.60 -6.80
C GLU D 96 -23.17 26.06 -7.60
N TYR D 97 -21.97 25.68 -7.17
CA TYR D 97 -20.75 26.12 -7.86
C TYR D 97 -19.96 25.11 -8.66
N GLY D 98 -20.58 23.99 -9.01
CA GLY D 98 -19.82 23.01 -9.79
C GLY D 98 -20.31 21.59 -9.76
N SER D 99 -19.61 20.74 -10.50
CA SER D 99 -19.93 19.34 -10.60
C SER D 99 -18.73 18.51 -11.02
N ILE D 100 -18.58 17.38 -10.37
CA ILE D 100 -17.51 16.46 -10.71
C ILE D 100 -18.17 15.09 -10.81
N ASN D 101 -17.48 14.16 -11.48
CA ASN D 101 -18.01 12.82 -11.65
C ASN D 101 -16.92 11.81 -11.87
N HIS D 102 -17.25 10.57 -11.55
CA HIS D 102 -16.33 9.46 -11.74
C HIS D 102 -17.19 8.30 -12.19
N THR D 103 -16.61 7.46 -13.03
CA THR D 103 -17.36 6.34 -13.53
C THR D 103 -16.72 4.99 -13.29
N TYR D 104 -17.49 4.11 -12.67
CA TYR D 104 -17.03 2.76 -12.39
C TYR D 104 -17.70 1.82 -13.38
N GLN D 105 -16.96 0.78 -13.75
CA GLN D 105 -17.48 -0.24 -14.66
C GLN D 105 -17.71 -1.50 -13.85
N LEU D 106 -18.97 -1.92 -13.77
CA LEU D 106 -19.28 -3.14 -13.05
C LEU D 106 -19.50 -4.28 -14.02
N ASP D 107 -18.73 -5.35 -13.82
CA ASP D 107 -18.84 -6.57 -14.63
C ASP D 107 -19.19 -7.72 -13.66
N VAL D 108 -20.34 -8.37 -13.89
CA VAL D 108 -20.77 -9.48 -13.04
C VAL D 108 -20.54 -10.83 -13.72
N VAL D 109 -19.53 -11.56 -13.25
CA VAL D 109 -19.16 -12.85 -13.83
C VAL D 109 -19.87 -14.06 -13.24
N GLU D 110 -20.36 -14.92 -14.13
CA GLU D 110 -21.05 -16.14 -13.73
C GLU D 110 -20.08 -17.29 -13.85
N ARG D 111 -20.04 -18.16 -12.86
CA ARG D 111 -19.10 -19.26 -12.94
C ARG D 111 -19.77 -20.61 -13.15
N SER D 112 -19.01 -21.53 -13.73
CA SER D 112 -19.48 -22.89 -13.98
C SER D 112 -18.73 -23.87 -13.10
N PRO D 113 -19.11 -24.00 -11.81
CA PRO D 113 -18.43 -24.92 -10.89
C PRO D 113 -18.91 -26.36 -11.14
N HIS D 114 -18.87 -26.75 -12.40
CA HIS D 114 -19.31 -28.08 -12.84
C HIS D 114 -18.28 -28.74 -13.75
N ARG D 115 -18.45 -30.03 -13.97
CA ARG D 115 -17.53 -30.73 -14.84
C ARG D 115 -17.80 -30.28 -16.28
N PRO D 116 -16.87 -30.56 -17.20
CA PRO D 116 -17.05 -30.16 -18.60
C PRO D 116 -18.34 -30.65 -19.24
N ILE D 117 -18.93 -29.81 -20.07
CA ILE D 117 -20.13 -30.19 -20.78
C ILE D 117 -19.63 -30.55 -22.17
N LEU D 118 -20.03 -31.71 -22.68
CA LEU D 118 -19.57 -32.11 -24.01
C LEU D 118 -20.65 -31.81 -25.04
N GLN D 119 -20.24 -31.39 -26.23
CA GLN D 119 -21.21 -31.08 -27.27
C GLN D 119 -22.07 -32.29 -27.64
N ALA D 120 -23.36 -32.03 -27.80
CA ALA D 120 -24.31 -33.06 -28.18
C ALA D 120 -23.96 -33.59 -29.56
N GLY D 121 -23.99 -34.91 -29.71
CA GLY D 121 -23.68 -35.52 -31.00
C GLY D 121 -22.25 -36.03 -31.11
N LEU D 122 -21.29 -35.10 -30.99
CA LEU D 122 -19.88 -35.42 -31.08
C LEU D 122 -19.38 -36.16 -29.84
N PRO D 123 -18.56 -37.20 -30.03
CA PRO D 123 -18.12 -37.68 -31.35
C PRO D 123 -19.20 -38.63 -31.89
N ALA D 124 -19.51 -38.49 -33.17
CA ALA D 124 -20.54 -39.33 -33.81
C ALA D 124 -20.06 -40.74 -34.12
N ASN D 125 -20.94 -41.71 -33.89
CA ASN D 125 -20.61 -43.10 -34.15
C ASN D 125 -20.28 -43.29 -35.64
N LYS D 126 -19.58 -44.38 -35.97
CA LYS D 126 -19.20 -44.66 -37.37
C LYS D 126 -18.87 -46.14 -37.68
N THR D 127 -19.01 -46.48 -38.96
CA THR D 127 -18.70 -47.82 -39.48
C THR D 127 -18.14 -47.51 -40.86
N VAL D 128 -16.83 -47.62 -41.04
CA VAL D 128 -16.24 -47.29 -42.33
C VAL D 128 -15.51 -48.38 -43.12
N ALA D 129 -14.91 -47.94 -44.23
CA ALA D 129 -14.16 -48.81 -45.14
C ALA D 129 -12.67 -48.77 -44.83
N LEU D 130 -12.06 -49.96 -44.82
CA LEU D 130 -10.64 -50.13 -44.53
C LEU D 130 -9.73 -49.12 -45.23
N GLY D 131 -8.58 -48.86 -44.60
CA GLY D 131 -7.61 -47.97 -45.17
C GLY D 131 -7.97 -46.50 -45.25
N SER D 132 -9.23 -46.18 -44.97
CA SER D 132 -9.66 -44.79 -44.99
C SER D 132 -9.28 -44.13 -43.69
N ASN D 133 -8.93 -42.85 -43.75
CA ASN D 133 -8.56 -42.10 -42.55
C ASN D 133 -9.81 -41.48 -41.94
N VAL D 134 -10.13 -41.94 -40.73
CA VAL D 134 -11.30 -41.45 -40.01
C VAL D 134 -10.98 -40.52 -38.85
N GLU D 135 -11.77 -39.46 -38.73
CA GLU D 135 -11.59 -38.46 -37.67
C GLU D 135 -12.65 -38.62 -36.58
N PHE D 136 -12.52 -37.83 -35.53
CA PHE D 136 -13.46 -37.81 -34.42
C PHE D 136 -13.37 -36.47 -33.75
N MET D 137 -14.47 -35.73 -33.76
CA MET D 137 -14.50 -34.42 -33.14
C MET D 137 -15.16 -34.43 -31.78
N CYS D 138 -14.53 -33.77 -30.82
CA CYS D 138 -15.08 -33.67 -29.48
C CYS D 138 -14.98 -32.20 -29.13
N LYS D 139 -16.11 -31.59 -28.81
CA LYS D 139 -16.11 -30.17 -28.47
C LYS D 139 -16.56 -30.02 -27.04
N VAL D 140 -15.81 -29.23 -26.28
CA VAL D 140 -16.04 -29.05 -24.86
C VAL D 140 -16.19 -27.64 -24.29
N TYR D 141 -17.15 -27.49 -23.38
CA TYR D 141 -17.33 -26.24 -22.69
C TYR D 141 -16.88 -26.47 -21.26
N SER D 142 -15.97 -25.64 -20.77
CA SER D 142 -15.50 -25.74 -19.41
C SER D 142 -14.91 -24.42 -18.95
N ASP D 143 -15.36 -23.96 -17.78
CA ASP D 143 -14.85 -22.72 -17.17
C ASP D 143 -13.43 -23.04 -16.71
N PRO D 144 -13.26 -23.84 -15.62
CA PRO D 144 -11.85 -24.08 -15.28
C PRO D 144 -11.25 -24.83 -16.46
N GLN D 145 -10.00 -24.52 -16.79
CA GLN D 145 -9.34 -25.13 -17.92
C GLN D 145 -9.52 -26.65 -17.97
N PRO D 146 -10.04 -27.16 -19.10
CA PRO D 146 -10.20 -28.62 -19.10
C PRO D 146 -8.99 -29.32 -19.70
N HIS D 147 -8.97 -30.63 -19.56
CA HIS D 147 -7.92 -31.47 -20.11
C HIS D 147 -8.68 -32.53 -20.89
N ILE D 148 -8.23 -32.83 -22.10
CA ILE D 148 -8.92 -33.82 -22.93
C ILE D 148 -8.02 -34.99 -23.21
N GLN D 149 -8.64 -36.14 -23.31
CA GLN D 149 -7.95 -37.39 -23.53
C GLN D 149 -8.87 -38.33 -24.31
N TRP D 150 -8.33 -39.01 -25.32
CA TRP D 150 -9.13 -39.94 -26.11
C TRP D 150 -8.78 -41.35 -25.65
N LEU D 151 -9.78 -42.21 -25.52
CA LEU D 151 -9.55 -43.58 -25.07
C LEU D 151 -10.12 -44.62 -26.04
N LYS D 152 -9.61 -45.84 -25.98
CA LYS D 152 -10.08 -46.94 -26.82
C LYS D 152 -10.57 -48.04 -25.91
N HIS D 153 -11.84 -48.43 -26.09
CA HIS D 153 -12.41 -49.47 -25.27
C HIS D 153 -11.79 -50.83 -25.52
N ILE D 154 -10.78 -51.17 -24.72
CA ILE D 154 -10.08 -52.44 -24.84
C ILE D 154 -10.99 -53.61 -24.51
N GLU D 155 -10.60 -54.77 -25.00
CA GLU D 155 -11.35 -56.00 -24.78
C GLU D 155 -10.32 -57.07 -24.39
N VAL D 156 -9.64 -56.86 -23.27
CA VAL D 156 -8.62 -57.81 -22.80
C VAL D 156 -9.25 -59.13 -22.32
N ASN D 157 -8.82 -60.22 -22.96
CA ASN D 157 -9.29 -61.57 -22.68
C ASN D 157 -10.63 -61.81 -23.38
N GLY D 158 -11.73 -61.54 -22.69
CA GLY D 158 -13.03 -61.71 -23.30
C GLY D 158 -13.97 -60.64 -22.81
N SER D 159 -13.61 -60.08 -21.66
CA SER D 159 -14.39 -59.03 -21.02
C SER D 159 -14.00 -57.61 -21.43
N LYS D 160 -15.01 -56.77 -21.62
CA LYS D 160 -14.79 -55.37 -21.97
C LYS D 160 -14.97 -54.56 -20.70
N ILE D 161 -15.55 -55.20 -19.69
CA ILE D 161 -15.78 -54.58 -18.38
C ILE D 161 -14.74 -55.16 -17.43
N GLY D 162 -13.95 -54.28 -16.83
CA GLY D 162 -12.91 -54.73 -15.93
C GLY D 162 -13.37 -55.13 -14.54
N PRO D 163 -12.44 -55.55 -13.67
CA PRO D 163 -12.70 -55.97 -12.29
C PRO D 163 -12.82 -54.78 -11.34
N ASP D 164 -13.98 -54.13 -11.40
CA ASP D 164 -14.33 -52.97 -10.59
C ASP D 164 -15.49 -52.33 -11.35
N ASN D 165 -16.04 -53.10 -12.27
CA ASN D 165 -17.16 -52.70 -13.11
C ASN D 165 -16.86 -51.55 -14.05
N LEU D 166 -15.58 -51.23 -14.22
CA LEU D 166 -15.16 -50.15 -15.11
C LEU D 166 -14.61 -50.71 -16.44
N PRO D 167 -15.27 -50.37 -17.56
CA PRO D 167 -14.90 -50.81 -18.91
C PRO D 167 -13.42 -50.64 -19.22
N TYR D 168 -12.83 -51.68 -19.81
CA TYR D 168 -11.42 -51.67 -20.18
C TYR D 168 -11.11 -50.63 -21.25
N VAL D 169 -10.02 -49.90 -21.05
CA VAL D 169 -9.63 -48.86 -21.99
C VAL D 169 -8.13 -48.73 -22.16
N GLN D 170 -7.75 -47.96 -23.16
CA GLN D 170 -6.35 -47.71 -23.46
C GLN D 170 -6.28 -46.25 -23.90
N ILE D 171 -5.40 -45.48 -23.27
CA ILE D 171 -5.26 -44.06 -23.59
C ILE D 171 -4.65 -43.92 -24.97
N LEU D 172 -5.34 -43.19 -25.85
CA LEU D 172 -4.87 -43.00 -27.22
C LEU D 172 -4.17 -41.68 -27.48
N LYS D 173 -4.69 -40.61 -26.89
CA LYS D 173 -4.12 -39.29 -27.11
C LYS D 173 -4.43 -38.41 -25.90
N THR D 174 -3.40 -37.74 -25.41
CA THR D 174 -3.53 -36.89 -24.23
C THR D 174 -3.05 -35.46 -24.54
N ALA D 175 -3.70 -34.49 -23.92
CA ALA D 175 -3.34 -33.09 -24.09
C ALA D 175 -2.15 -32.77 -23.20
N GLY D 176 -1.24 -31.96 -23.72
CA GLY D 176 -0.07 -31.58 -22.95
C GLY D 176 0.48 -30.33 -23.61
N VAL D 177 1.45 -29.68 -22.99
CA VAL D 177 2.03 -28.50 -23.62
C VAL D 177 2.37 -28.98 -25.03
N ASN D 178 1.93 -28.22 -26.03
CA ASN D 178 2.12 -28.53 -27.45
C ASN D 178 0.70 -28.74 -28.00
N THR D 179 0.51 -29.83 -28.74
CA THR D 179 -0.77 -30.20 -29.33
C THR D 179 -1.66 -29.02 -29.76
N THR D 180 -2.23 -28.35 -28.76
CA THR D 180 -3.13 -27.19 -28.86
C THR D 180 -4.53 -27.60 -28.41
N ASP D 181 -5.26 -26.64 -27.86
CA ASP D 181 -6.61 -26.89 -27.39
C ASP D 181 -7.42 -27.49 -28.53
N LYS D 182 -7.06 -27.12 -29.76
CA LYS D 182 -7.78 -27.61 -30.94
C LYS D 182 -7.26 -28.90 -31.58
N GLU D 183 -6.04 -29.30 -31.24
CA GLU D 183 -5.49 -30.54 -31.81
C GLU D 183 -6.02 -31.75 -31.05
N MET D 184 -6.35 -31.56 -29.78
CA MET D 184 -6.89 -32.64 -28.95
C MET D 184 -8.36 -32.83 -29.27
N GLU D 185 -8.98 -31.74 -29.70
CA GLU D 185 -10.38 -31.72 -30.06
C GLU D 185 -10.72 -32.76 -31.13
N VAL D 186 -9.69 -33.40 -31.67
CA VAL D 186 -9.90 -34.41 -32.69
C VAL D 186 -8.95 -35.59 -32.57
N LEU D 187 -9.50 -36.77 -32.80
CA LEU D 187 -8.73 -38.00 -32.78
C LEU D 187 -8.73 -38.48 -34.21
N HIS D 188 -7.55 -38.52 -34.82
CA HIS D 188 -7.44 -38.96 -36.20
C HIS D 188 -6.78 -40.31 -36.36
N LEU D 189 -7.44 -41.21 -37.08
CA LEU D 189 -6.90 -42.55 -37.33
C LEU D 189 -6.24 -42.60 -38.71
N ARG D 190 -5.38 -43.60 -38.93
CA ARG D 190 -4.68 -43.72 -40.20
C ARG D 190 -5.27 -44.78 -41.15
N ASN D 191 -4.52 -45.83 -41.47
CA ASN D 191 -5.04 -46.86 -42.35
C ASN D 191 -5.85 -47.83 -41.50
N VAL D 192 -6.99 -47.35 -41.02
CA VAL D 192 -7.86 -48.15 -40.16
C VAL D 192 -7.89 -49.62 -40.57
N SER D 193 -7.80 -50.51 -39.59
CA SER D 193 -7.83 -51.94 -39.86
C SER D 193 -9.08 -52.55 -39.26
N PHE D 194 -9.01 -53.83 -38.95
CA PHE D 194 -10.13 -54.56 -38.37
C PHE D 194 -10.10 -54.44 -36.86
N GLU D 195 -8.94 -54.73 -36.28
CA GLU D 195 -8.76 -54.65 -34.83
C GLU D 195 -9.09 -53.26 -34.30
N ASP D 196 -9.14 -52.29 -35.21
CA ASP D 196 -9.45 -50.91 -34.86
C ASP D 196 -10.95 -50.73 -34.77
N ALA D 197 -11.62 -51.81 -34.38
CA ALA D 197 -13.06 -51.82 -34.23
C ALA D 197 -13.40 -51.73 -32.75
N GLY D 198 -14.36 -50.88 -32.41
CA GLY D 198 -14.74 -50.72 -31.03
C GLY D 198 -15.27 -49.34 -30.73
N GLU D 199 -15.35 -49.05 -29.43
CA GLU D 199 -15.86 -47.77 -28.97
C GLU D 199 -14.74 -46.82 -28.58
N TYR D 200 -14.78 -45.62 -29.17
CA TYR D 200 -13.80 -44.59 -28.90
C TYR D 200 -14.40 -43.52 -27.98
N THR D 201 -13.76 -43.33 -26.83
CA THR D 201 -14.25 -42.38 -25.84
C THR D 201 -13.41 -41.12 -25.62
N CYS D 202 -14.09 -39.98 -25.58
CA CYS D 202 -13.40 -38.74 -25.32
C CYS D 202 -13.64 -38.37 -23.84
N LEU D 203 -12.56 -38.19 -23.10
CA LEU D 203 -12.67 -37.85 -21.69
C LEU D 203 -12.24 -36.42 -21.40
N ALA D 204 -13.17 -35.59 -20.95
CA ALA D 204 -12.85 -34.21 -20.60
C ALA D 204 -12.98 -34.03 -19.09
N GLY D 205 -11.88 -33.67 -18.44
CA GLY D 205 -11.94 -33.45 -17.02
C GLY D 205 -11.38 -32.14 -16.52
N ASN D 206 -12.03 -31.53 -15.54
CA ASN D 206 -11.53 -30.28 -14.93
C ASN D 206 -11.40 -30.50 -13.41
N SER D 207 -10.90 -29.50 -12.69
CA SER D 207 -10.70 -29.62 -11.25
C SER D 207 -11.95 -30.01 -10.48
N ILE D 208 -13.09 -29.99 -11.14
CA ILE D 208 -14.35 -30.33 -10.49
C ILE D 208 -14.82 -31.76 -10.78
N GLY D 209 -14.74 -32.18 -12.04
CA GLY D 209 -15.18 -33.51 -12.41
C GLY D 209 -14.82 -33.92 -13.84
N LEU D 210 -15.29 -35.10 -14.23
CA LEU D 210 -15.06 -35.68 -15.56
C LEU D 210 -16.32 -35.90 -16.35
N SER D 211 -16.26 -35.66 -17.65
CA SER D 211 -17.40 -35.89 -18.52
C SER D 211 -16.91 -36.74 -19.68
N HIS D 212 -17.78 -37.55 -20.25
CA HIS D 212 -17.36 -38.39 -21.37
C HIS D 212 -18.43 -38.68 -22.41
N HIS D 213 -17.97 -38.82 -23.65
CA HIS D 213 -18.83 -39.13 -24.77
C HIS D 213 -18.20 -40.27 -25.52
N SER D 214 -19.03 -41.17 -26.03
CA SER D 214 -18.53 -42.31 -26.78
C SER D 214 -19.08 -42.31 -28.20
N ALA D 215 -18.50 -43.19 -29.01
CA ALA D 215 -18.89 -43.36 -30.40
C ALA D 215 -18.34 -44.72 -30.77
N TRP D 216 -19.08 -45.46 -31.59
CA TRP D 216 -18.65 -46.79 -31.99
C TRP D 216 -18.11 -46.79 -33.42
N LEU D 217 -17.19 -47.69 -33.69
CA LEU D 217 -16.62 -47.82 -35.03
C LEU D 217 -16.40 -49.30 -35.38
N THR D 218 -17.23 -49.81 -36.29
CA THR D 218 -17.12 -51.20 -36.74
C THR D 218 -16.34 -51.29 -38.06
N VAL D 219 -15.52 -52.32 -38.18
CA VAL D 219 -14.69 -52.51 -39.37
C VAL D 219 -15.21 -53.45 -40.44
N LEU D 220 -15.16 -52.98 -41.68
CA LEU D 220 -15.60 -53.75 -42.85
C LEU D 220 -15.07 -53.09 -44.13
C1 SGN E . -10.76 -3.18 3.09
C2 SGN E . -9.97 -2.98 1.82
C3 SGN E . -9.37 -4.26 1.34
C4 SGN E . -8.44 -4.76 2.45
C5 SGN E . -9.30 -4.94 3.73
C6 SGN E . -8.50 -5.37 4.96
N2 SGN E . -10.81 -2.47 0.82
O3 SGN E . -8.67 -4.01 0.11
O4 SGN E . -7.78 -6.03 1.98
O5 SGN E . -9.92 -3.69 4.13
O6 SGN E . -9.52 -5.39 6.00
S1 SGN E . -10.34 -0.98 0.31
O1S SGN E . -11.30 -0.60 -0.74
O2S SGN E . -10.22 -0.23 1.59
O3S SGN E . -8.90 -1.12 -0.25
S2 SGN E . -8.93 -5.77 7.36
O4S SGN E . -9.81 -5.17 8.33
O5S SGN E . -8.75 -7.22 7.26
O6S SGN E . -7.54 -5.14 7.53
C1 IDS E . -6.36 -6.35 2.28
C2 IDS E . -5.51 -6.59 1.00
C3 IDS E . -5.26 -5.21 0.25
C4 IDS E . -4.72 -4.08 1.25
C5 IDS E . -5.66 -4.02 2.51
C6 IDS E . -5.15 -2.99 3.49
O2 IDS E . -4.25 -7.21 1.44
O3 IDS E . -6.53 -4.79 -0.20
O4 IDS E . -3.36 -4.31 1.74
O5 IDS E . -5.73 -5.33 3.16
O6A IDS E . -4.85 -3.32 4.65
O6B IDS E . -5.04 -1.72 3.09
S IDS E . -4.31 -8.79 1.16
O1S IDS E . -3.03 -9.32 1.58
O2S IDS E . -5.51 -9.29 1.80
O3S IDS E . -4.45 -8.99 -0.37
C1 SGN E . -2.22 -3.94 0.84
C2 SGN E . -1.08 -4.86 1.24
C3 SGN E . -0.74 -4.64 2.74
C4 SGN E . -0.19 -3.20 2.76
C5 SGN E . -1.29 -2.22 2.28
C6 SGN E . -0.70 -0.78 2.18
N2 SGN E . -1.53 -6.18 0.95
O3 SGN E . 0.29 -5.52 3.16
O4 SGN E . 0.25 -2.87 4.11
O5 SGN E . -1.72 -2.55 0.98
O6 SGN E . -1.61 0.20 1.72
S1 SGN E . -0.88 -6.63 -0.50
O1S SGN E . -1.34 -7.97 -0.74
O2S SGN E . -1.17 -5.52 -1.42
O3S SGN E . 0.64 -6.68 -0.30
S2 SGN E . -0.85 1.57 1.57
O4S SGN E . -1.88 2.57 1.51
O5S SGN E . 0.16 1.59 2.60
O6S SGN E . -0.10 1.60 0.24
C1 IDS E . 1.30 -1.92 4.23
C2 IDS E . 1.46 -1.49 5.70
C3 IDS E . 2.21 -2.70 6.48
C4 IDS E . 3.52 -3.21 5.75
C5 IDS E . 3.20 -3.53 4.28
C6 IDS E . 4.55 -3.97 3.61
O2 IDS E . 2.12 -0.15 5.59
O3 IDS E . 1.32 -3.82 6.46
O4 IDS E . 4.60 -2.28 5.74
O5 IDS E . 2.59 -2.36 3.62
O6A IDS E . 5.01 -3.36 2.63
O6B IDS E . 5.22 -5.01 4.11
S IDS E . 1.07 1.04 5.89
O1S IDS E . 1.76 2.26 5.67
O2S IDS E . -0.15 0.71 5.17
O3S IDS E . 0.69 1.06 7.38
C1 SGN E . 5.50 -2.48 6.84
C2 SGN E . 6.27 -1.18 7.13
C3 SGN E . 7.38 -0.94 6.09
C4 SGN E . 8.37 -2.16 6.20
C5 SGN E . 7.59 -3.42 5.82
C6 SGN E . 8.54 -4.64 5.91
N2 SGN E . 5.27 -0.13 7.20
O3 SGN E . 8.04 0.28 6.41
O4 SGN E . 9.55 -2.07 5.32
O5 SGN E . 6.45 -3.62 6.73
O6 SGN E . 7.93 -5.86 5.56
S1 SGN E . 4.28 0.01 8.57
O1S SGN E . 3.43 1.14 8.26
O2S SGN E . 3.72 -1.29 8.85
O3S SGN E . 5.08 0.31 9.81
S2 SGN E . 9.04 -6.96 5.73
O4S SGN E . 8.34 -8.22 5.61
O5S SGN E . 10.13 -6.56 4.83
O6S SGN E . 9.59 -6.93 7.17
S UAP E . 12.62 -3.52 4.82
C1 UAP E . 9.54 -1.80 3.94
C2 UAP E . 10.67 -2.73 3.28
O2 UAP E . 12.05 -2.38 3.81
C3 UAP E . 10.62 -2.47 1.72
O3 UAP E . 9.48 -3.15 1.15
C4 UAP E . 10.53 -0.94 1.45
C5 UAP E . 10.17 -0.07 2.42
O5 UAP E . 9.85 -0.41 3.71
C6 UAP E . 10.10 1.42 2.14
O1S UAP E . 13.96 -3.14 5.24
O2S UAP E . 11.55 -3.70 5.83
O3S UAP E . 12.75 -4.89 4.05
O6B UAP E . 10.37 1.88 1.04
O6A UAP E . 9.75 2.28 3.15
#